data_3SRJ
#
_entry.id   3SRJ
#
_cell.length_a   38.320
_cell.length_b   144.320
_cell.length_c   145.640
_cell.angle_alpha   90.00
_cell.angle_beta   90.00
_cell.angle_gamma   90.00
#
_symmetry.space_group_name_H-M   'P 21 21 21'
#
loop_
_entity.id
_entity.type
_entity.pdbx_description
1 polymer 'Apical membrane antigen 1, AMA1'
2 polymer 'R1 peptide'
3 water water
#
loop_
_entity_poly.entity_id
_entity_poly.type
_entity_poly.pdbx_seq_one_letter_code
_entity_poly.pdbx_strand_id
1 'polypeptide(L)'
;EFIEIVERSNYMGNPWTEYMAKYDIEEVHGSGIRVDLGEDAEVAGTQYRLPSGKCPVFGKGIIIENSKTTFLTPVATGNQ
YLKDGGFAFPPTEPLMSPMTLDEMRHFYKDNKYVKNLDELTLCSRHAGNMIPDNDKNSNYKYPAVYDDKDKKCHILYIAA
QENNGPRYCNKDESKRNSMFCFRPAKDISFQNYVYLSKNVVDNWEKVCPRKNLQNAKFGLWVDGNCEDIPHVNEFPAIDL
FECNKLVFELSASDQPKQYEQHLTDYEKIKEGFKNKNADMIKSAFLPTGAFKADRYKSHGKGYNWGNYNTETQKCEIFNV
KPTCLINDKSYIATTALSHPIEVENNFPSVPRAAAAASFLEQKLISEEDLNSAVDHHHHHH
;
A,B
2 'polypeptide(L)' VFAEFLPLFSKFGSRMHILK C,D,E,F
#
# COMPACT_ATOMS: atom_id res chain seq x y z
N MET A 12 -16.69 -32.31 -31.47
CA MET A 12 -16.90 -30.87 -31.68
C MET A 12 -15.65 -30.03 -31.30
N GLY A 13 -15.69 -28.74 -31.64
CA GLY A 13 -14.63 -27.79 -31.31
C GLY A 13 -14.59 -27.49 -29.82
N ASN A 14 -13.39 -27.19 -29.27
CA ASN A 14 -13.19 -26.89 -27.85
C ASN A 14 -13.51 -25.41 -27.52
N PRO A 15 -14.60 -25.14 -26.74
CA PRO A 15 -14.93 -23.75 -26.36
C PRO A 15 -14.01 -23.11 -25.29
N TRP A 16 -13.22 -23.95 -24.60
CA TRP A 16 -12.31 -23.56 -23.51
C TRP A 16 -10.96 -23.02 -23.97
N THR A 17 -10.62 -23.20 -25.27
CA THR A 17 -9.32 -22.77 -25.85
C THR A 17 -8.73 -21.45 -25.36
N GLU A 18 -9.41 -20.33 -25.60
CA GLU A 18 -8.93 -19.03 -25.19
C GLU A 18 -8.77 -18.91 -23.66
N TYR A 19 -9.78 -19.39 -22.91
CA TYR A 19 -9.80 -19.34 -21.45
C TYR A 19 -8.60 -20.10 -20.81
N MET A 20 -8.26 -21.27 -21.37
CA MET A 20 -7.23 -22.18 -20.89
C MET A 20 -5.84 -21.84 -21.33
N ALA A 21 -5.70 -20.86 -22.23
CA ALA A 21 -4.39 -20.48 -22.75
C ALA A 21 -3.40 -20.13 -21.66
N LYS A 22 -3.83 -19.39 -20.61
CA LYS A 22 -2.96 -19.04 -19.48
C LYS A 22 -2.45 -20.24 -18.67
N TYR A 23 -3.12 -21.42 -18.81
CA TYR A 23 -2.76 -22.65 -18.08
C TYR A 23 -1.73 -23.52 -18.80
N ASP A 24 -1.42 -23.15 -20.05
CA ASP A 24 -0.39 -23.83 -20.84
C ASP A 24 0.96 -23.22 -20.42
N ILE A 25 1.38 -23.58 -19.20
CA ILE A 25 2.60 -23.08 -18.53
C ILE A 25 3.90 -23.16 -19.36
N GLU A 26 4.11 -24.24 -20.10
CA GLU A 26 5.25 -24.42 -21.01
C GLU A 26 5.30 -23.30 -22.08
N GLU A 27 4.14 -22.82 -22.52
CA GLU A 27 4.04 -21.78 -23.55
C GLU A 27 4.08 -20.35 -22.98
N VAL A 28 3.23 -20.06 -22.00
CA VAL A 28 3.14 -18.70 -21.42
C VAL A 28 4.31 -18.32 -20.50
N HIS A 29 4.85 -19.27 -19.71
CA HIS A 29 5.98 -19.00 -18.80
C HIS A 29 7.28 -19.40 -19.47
N GLY A 30 7.35 -20.67 -19.91
CA GLY A 30 8.46 -21.20 -20.68
C GLY A 30 9.78 -21.40 -19.97
N SER A 31 9.77 -21.52 -18.66
CA SER A 31 10.98 -21.75 -17.86
C SER A 31 10.63 -22.48 -16.54
N GLY A 32 11.63 -22.70 -15.69
CA GLY A 32 11.41 -23.27 -14.36
C GLY A 32 10.56 -22.35 -13.51
N ILE A 33 9.88 -22.95 -12.53
CA ILE A 33 9.03 -22.21 -11.61
C ILE A 33 9.69 -22.24 -10.25
N ARG A 34 9.93 -23.45 -9.73
CA ARG A 34 10.55 -23.66 -8.43
C ARG A 34 11.97 -23.05 -8.44
N VAL A 35 12.76 -23.39 -9.48
CA VAL A 35 14.06 -22.80 -9.75
C VAL A 35 13.98 -22.34 -11.20
N ASP A 36 14.02 -21.02 -11.42
CA ASP A 36 13.95 -20.47 -12.79
C ASP A 36 15.37 -20.07 -13.18
N LEU A 37 15.99 -20.80 -14.15
CA LEU A 37 17.34 -20.50 -14.65
C LEU A 37 17.35 -20.82 -16.14
N GLY A 38 16.31 -20.38 -16.83
CA GLY A 38 16.08 -20.68 -18.23
C GLY A 38 16.95 -20.01 -19.28
N GLU A 39 17.80 -19.06 -18.88
CA GLU A 39 18.71 -18.38 -19.82
C GLU A 39 20.09 -18.24 -19.23
N ASP A 40 21.02 -17.80 -20.06
CA ASP A 40 22.42 -17.54 -19.73
C ASP A 40 22.68 -16.09 -20.10
N ALA A 41 23.57 -15.43 -19.37
CA ALA A 41 23.95 -14.06 -19.68
C ALA A 41 25.41 -13.89 -19.33
N GLU A 42 26.05 -12.87 -19.87
CA GLU A 42 27.46 -12.61 -19.65
C GLU A 42 27.72 -11.34 -18.86
N VAL A 43 28.70 -11.41 -17.94
CA VAL A 43 29.23 -10.28 -17.19
C VAL A 43 30.76 -10.37 -17.26
N ALA A 44 31.37 -9.43 -17.99
CA ALA A 44 32.84 -9.30 -18.16
C ALA A 44 33.51 -10.60 -18.62
N GLY A 45 32.95 -11.24 -19.64
CA GLY A 45 33.49 -12.47 -20.21
C GLY A 45 33.01 -13.78 -19.61
N THR A 46 32.52 -13.75 -18.36
CA THR A 46 32.01 -14.94 -17.68
C THR A 46 30.48 -15.11 -17.91
N GLN A 47 30.04 -16.35 -18.11
CA GLN A 47 28.63 -16.69 -18.33
C GLN A 47 27.98 -17.04 -17.03
N TYR A 48 26.75 -16.56 -16.86
CA TYR A 48 25.96 -16.87 -15.68
C TYR A 48 24.56 -17.35 -16.09
N ARG A 49 23.99 -18.25 -15.30
CA ARG A 49 22.62 -18.73 -15.47
C ARG A 49 21.73 -17.66 -14.77
N LEU A 50 20.56 -17.35 -15.32
CA LEU A 50 19.67 -16.38 -14.69
C LEU A 50 18.18 -16.64 -15.00
N PRO A 51 17.25 -16.18 -14.12
CA PRO A 51 15.81 -16.38 -14.38
C PRO A 51 15.34 -15.76 -15.70
N SER A 52 14.37 -16.42 -16.33
CA SER A 52 13.86 -15.99 -17.62
C SER A 52 12.39 -16.32 -17.86
N GLY A 53 11.64 -16.69 -16.82
CA GLY A 53 10.20 -16.99 -16.93
C GLY A 53 9.40 -15.75 -17.29
N LYS A 54 8.40 -15.90 -18.12
CA LYS A 54 7.57 -14.79 -18.62
C LYS A 54 6.41 -14.43 -17.70
N CYS A 55 6.09 -15.34 -16.75
CA CYS A 55 5.03 -15.11 -15.78
C CYS A 55 5.60 -14.78 -14.38
N PRO A 56 4.85 -13.94 -13.65
CA PRO A 56 5.21 -13.71 -12.25
C PRO A 56 4.89 -14.99 -11.42
N VAL A 57 5.69 -15.26 -10.36
CA VAL A 57 5.50 -16.42 -9.48
C VAL A 57 4.99 -15.86 -8.17
N PHE A 58 3.68 -15.95 -7.93
CA PHE A 58 3.07 -15.43 -6.71
C PHE A 58 3.35 -16.30 -5.46
N GLY A 59 3.86 -15.66 -4.41
CA GLY A 59 4.09 -16.30 -3.12
C GLY A 59 5.46 -16.95 -2.98
N LYS A 60 6.31 -16.83 -4.01
CA LYS A 60 7.64 -17.40 -4.00
C LYS A 60 8.66 -16.48 -3.30
N GLY A 61 9.46 -17.10 -2.43
CA GLY A 61 10.58 -16.47 -1.77
C GLY A 61 11.72 -17.46 -1.60
N ILE A 62 12.80 -17.04 -0.92
CA ILE A 62 13.95 -17.93 -0.70
C ILE A 62 14.16 -18.04 0.82
N ILE A 63 14.23 -19.29 1.33
CA ILE A 63 14.46 -19.54 2.75
C ILE A 63 15.94 -19.76 2.88
N ILE A 64 16.62 -18.97 3.71
CA ILE A 64 18.05 -19.10 3.94
C ILE A 64 18.16 -19.89 5.24
N GLU A 65 18.75 -21.09 5.17
CA GLU A 65 18.88 -21.97 6.32
C GLU A 65 19.78 -21.42 7.40
N ASN A 66 19.29 -21.43 8.66
CA ASN A 66 19.98 -20.96 9.87
C ASN A 66 20.46 -19.50 9.74
N SER A 67 19.54 -18.61 9.33
CA SER A 67 19.85 -17.19 9.12
C SER A 67 19.23 -16.23 10.14
N LYS A 68 19.99 -15.19 10.50
CA LYS A 68 19.62 -14.09 11.40
C LYS A 68 18.57 -13.18 10.71
N THR A 69 18.51 -13.22 9.35
CA THR A 69 17.60 -12.39 8.56
C THR A 69 16.90 -13.14 7.40
N THR A 70 15.99 -12.43 6.73
CA THR A 70 15.21 -12.85 5.57
C THR A 70 15.98 -12.46 4.27
N PHE A 71 15.61 -13.09 3.16
CA PHE A 71 16.27 -12.91 1.86
C PHE A 71 16.18 -11.53 1.24
N LEU A 72 15.20 -10.69 1.65
CA LEU A 72 14.98 -9.29 1.22
C LEU A 72 15.92 -8.28 1.91
N THR A 73 16.68 -8.74 2.91
CA THR A 73 17.75 -7.99 3.56
C THR A 73 18.84 -7.87 2.48
N PRO A 74 19.52 -6.70 2.35
CA PRO A 74 20.59 -6.59 1.34
C PRO A 74 21.70 -7.62 1.55
N VAL A 75 22.46 -7.89 0.50
CA VAL A 75 23.59 -8.83 0.56
C VAL A 75 24.61 -8.29 1.56
N ALA A 76 25.37 -9.18 2.24
CA ALA A 76 26.46 -8.75 3.12
C ALA A 76 27.59 -8.35 2.18
N THR A 77 28.52 -7.51 2.67
CA THR A 77 29.58 -6.95 1.87
C THR A 77 30.94 -7.64 2.08
N GLY A 78 31.87 -7.41 1.15
CA GLY A 78 33.22 -7.97 1.20
C GLY A 78 33.30 -9.48 1.29
N ASN A 79 34.06 -9.96 2.28
CA ASN A 79 34.20 -11.40 2.50
C ASN A 79 32.94 -12.02 3.12
N GLN A 80 32.03 -11.20 3.64
CA GLN A 80 30.78 -11.70 4.20
C GLN A 80 29.69 -12.01 3.16
N TYR A 81 29.92 -11.60 1.90
CA TYR A 81 29.02 -11.85 0.78
C TYR A 81 28.83 -13.36 0.61
N LEU A 82 27.54 -13.81 0.58
CA LEU A 82 27.13 -15.22 0.45
C LEU A 82 27.26 -16.03 1.74
N LYS A 83 27.71 -15.40 2.85
CA LYS A 83 27.82 -16.05 4.17
C LYS A 83 26.74 -15.50 5.07
N ASP A 84 26.61 -14.17 5.09
CA ASP A 84 25.65 -13.40 5.90
C ASP A 84 24.77 -12.55 4.99
N GLY A 85 23.83 -11.80 5.60
CA GLY A 85 22.90 -10.93 4.91
C GLY A 85 21.89 -11.72 4.12
N GLY A 86 21.25 -11.04 3.16
CA GLY A 86 20.24 -11.67 2.32
C GLY A 86 20.63 -11.67 0.86
N PHE A 87 19.61 -11.54 -0.02
CA PHE A 87 19.81 -11.63 -1.48
C PHE A 87 19.69 -10.30 -2.20
N ALA A 88 19.08 -9.32 -1.53
CA ALA A 88 18.74 -8.06 -2.15
C ALA A 88 19.92 -7.11 -2.43
N PHE A 89 19.70 -6.19 -3.40
CA PHE A 89 20.67 -5.21 -3.84
C PHE A 89 21.18 -4.38 -2.67
N PRO A 90 22.52 -4.19 -2.56
CA PRO A 90 23.06 -3.40 -1.44
C PRO A 90 22.76 -1.89 -1.66
N PRO A 91 22.84 -1.01 -0.63
CA PRO A 91 22.51 0.42 -0.88
C PRO A 91 23.47 1.07 -1.87
N THR A 92 22.89 1.83 -2.82
CA THR A 92 23.63 2.54 -3.87
C THR A 92 23.42 4.05 -3.78
N GLU A 93 24.20 4.83 -4.57
CA GLU A 93 24.11 6.29 -4.64
C GLU A 93 23.85 6.77 -6.09
N PRO A 94 22.59 7.14 -6.44
CA PRO A 94 21.37 7.17 -5.62
C PRO A 94 20.82 5.78 -5.33
N LEU A 95 19.91 5.67 -4.33
CA LEU A 95 19.31 4.41 -3.90
C LEU A 95 18.38 3.81 -4.96
N MET A 96 18.79 2.67 -5.51
CA MET A 96 18.05 1.94 -6.55
C MET A 96 17.11 0.89 -6.04
N SER A 97 17.44 0.32 -4.88
CA SER A 97 16.65 -0.72 -4.24
C SER A 97 16.73 -0.62 -2.71
N PRO A 98 15.63 -0.85 -1.98
CA PRO A 98 14.25 -1.04 -2.48
C PRO A 98 13.69 0.28 -3.03
N MET A 99 12.66 0.17 -3.87
CA MET A 99 12.01 1.32 -4.46
C MET A 99 10.50 1.12 -4.43
N THR A 100 9.76 2.04 -3.81
CA THR A 100 8.30 1.93 -3.77
C THR A 100 7.74 2.12 -5.20
N LEU A 101 6.47 1.73 -5.41
CA LEU A 101 5.78 1.90 -6.66
C LEU A 101 5.80 3.40 -7.08
N ASP A 102 5.50 4.30 -6.14
CA ASP A 102 5.47 5.75 -6.39
C ASP A 102 6.81 6.30 -6.81
N GLU A 103 7.90 5.83 -6.17
CA GLU A 103 9.25 6.23 -6.52
C GLU A 103 9.64 5.73 -7.89
N MET A 104 9.24 4.47 -8.26
CA MET A 104 9.56 3.99 -9.61
C MET A 104 8.86 4.83 -10.68
N ARG A 105 7.55 5.15 -10.51
CA ARG A 105 6.79 5.92 -11.49
C ARG A 105 7.39 7.33 -11.68
N HIS A 106 7.90 7.93 -10.59
CA HIS A 106 8.57 9.23 -10.55
C HIS A 106 9.96 9.11 -11.24
N PHE A 107 10.71 8.05 -10.92
CA PHE A 107 12.04 7.77 -11.51
C PHE A 107 12.00 7.58 -13.01
N TYR A 108 10.92 6.94 -13.52
CA TYR A 108 10.74 6.66 -14.95
C TYR A 108 9.77 7.64 -15.64
N LYS A 109 9.53 8.82 -15.04
CA LYS A 109 8.61 9.85 -15.55
C LYS A 109 8.86 10.37 -16.96
N ASP A 110 10.11 10.26 -17.45
CA ASP A 110 10.49 10.67 -18.80
C ASP A 110 10.34 9.57 -19.82
N ASN A 111 9.96 8.37 -19.35
CA ASN A 111 9.85 7.22 -20.25
C ASN A 111 8.41 6.74 -20.35
N LYS A 112 7.73 7.09 -21.45
CA LYS A 112 6.32 6.73 -21.69
C LYS A 112 6.07 5.21 -21.76
N TYR A 113 7.11 4.44 -22.16
CA TYR A 113 7.03 3.00 -22.30
C TYR A 113 7.14 2.25 -20.96
N VAL A 114 7.68 2.90 -19.90
CA VAL A 114 7.89 2.32 -18.59
C VAL A 114 7.02 2.92 -17.48
N LYS A 115 6.89 4.27 -17.45
CA LYS A 115 6.20 4.96 -16.32
C LYS A 115 4.77 4.49 -15.97
N ASN A 116 4.02 3.94 -16.95
CA ASN A 116 2.62 3.54 -16.73
C ASN A 116 2.41 2.03 -16.77
N LEU A 117 3.50 1.24 -16.76
CA LEU A 117 3.46 -0.22 -16.75
C LEU A 117 2.80 -0.65 -15.46
N ASP A 118 2.15 -1.80 -15.46
CA ASP A 118 1.60 -2.31 -14.21
C ASP A 118 2.77 -2.57 -13.24
N GLU A 119 2.50 -2.49 -11.93
CA GLU A 119 3.48 -2.61 -10.86
C GLU A 119 4.49 -3.78 -10.96
N LEU A 120 4.02 -4.96 -11.37
CA LEU A 120 4.88 -6.15 -11.50
C LEU A 120 5.84 -6.01 -12.66
N THR A 121 5.34 -5.54 -13.80
CA THR A 121 6.18 -5.35 -14.99
C THR A 121 7.20 -4.25 -14.72
N LEU A 122 6.76 -3.17 -14.08
CA LEU A 122 7.63 -2.04 -13.72
C LEU A 122 8.79 -2.48 -12.80
N CYS A 123 8.48 -3.28 -11.78
CA CYS A 123 9.51 -3.78 -10.87
C CYS A 123 10.55 -4.64 -11.65
N SER A 124 10.06 -5.46 -12.58
CA SER A 124 10.90 -6.30 -13.48
C SER A 124 11.77 -5.40 -14.37
N ARG A 125 11.20 -4.34 -14.97
CA ARG A 125 11.99 -3.44 -15.83
C ARG A 125 13.00 -2.62 -15.04
N HIS A 126 12.62 -2.15 -13.84
CA HIS A 126 13.50 -1.41 -12.96
C HIS A 126 14.73 -2.25 -12.60
N ALA A 127 14.54 -3.52 -12.13
CA ALA A 127 15.63 -4.48 -11.82
C ALA A 127 16.50 -4.71 -13.06
N GLY A 128 15.84 -4.80 -14.22
CA GLY A 128 16.49 -4.99 -15.51
C GLY A 128 17.31 -3.82 -16.02
N ASN A 129 17.25 -2.66 -15.36
CA ASN A 129 18.03 -1.50 -15.79
C ASN A 129 19.45 -1.48 -15.23
N MET A 130 19.71 -2.24 -14.15
CA MET A 130 21.01 -2.34 -13.51
C MET A 130 22.04 -3.15 -14.30
N ILE A 131 23.13 -2.52 -14.72
CA ILE A 131 24.19 -3.21 -15.44
C ILE A 131 25.25 -3.64 -14.42
N PRO A 132 25.53 -4.96 -14.26
CA PRO A 132 26.58 -5.36 -13.28
C PRO A 132 27.95 -4.84 -13.71
N ASP A 133 28.72 -4.28 -12.74
CA ASP A 133 30.08 -3.77 -12.91
C ASP A 133 30.19 -2.64 -13.94
N ASN A 134 29.04 -2.11 -14.37
CA ASN A 134 28.91 -1.12 -15.43
C ASN A 134 29.56 -1.66 -16.74
N ASP A 135 29.48 -2.99 -16.94
CA ASP A 135 29.98 -3.65 -18.15
C ASP A 135 29.00 -3.35 -19.28
N LYS A 136 29.35 -2.38 -20.14
CA LYS A 136 28.51 -1.94 -21.27
C LYS A 136 28.16 -3.05 -22.25
N ASN A 137 28.87 -4.18 -22.21
CA ASN A 137 28.57 -5.31 -23.10
C ASN A 137 27.61 -6.34 -22.47
N SER A 138 27.39 -6.26 -21.15
CA SER A 138 26.55 -7.20 -20.39
C SER A 138 25.04 -7.16 -20.68
N ASN A 139 24.48 -8.35 -20.97
CA ASN A 139 23.05 -8.60 -21.13
C ASN A 139 22.44 -9.16 -19.81
N TYR A 140 23.24 -9.21 -18.74
CA TYR A 140 22.81 -9.71 -17.44
C TYR A 140 21.77 -8.81 -16.82
N LYS A 141 20.65 -9.42 -16.42
CA LYS A 141 19.50 -8.72 -15.84
C LYS A 141 19.04 -9.36 -14.57
N TYR A 142 19.20 -8.61 -13.45
CA TYR A 142 18.84 -9.08 -12.14
C TYR A 142 17.35 -9.38 -12.03
N PRO A 143 16.93 -10.46 -11.28
CA PRO A 143 15.50 -10.65 -11.06
C PRO A 143 15.07 -9.72 -9.91
N ALA A 144 13.79 -9.75 -9.55
CA ALA A 144 13.28 -8.91 -8.52
C ALA A 144 12.21 -9.60 -7.71
N VAL A 145 11.92 -9.03 -6.54
CA VAL A 145 10.79 -9.45 -5.72
C VAL A 145 9.93 -8.25 -5.48
N TYR A 146 8.64 -8.36 -5.83
CA TYR A 146 7.71 -7.30 -5.53
C TYR A 146 6.86 -7.65 -4.31
N ASP A 147 6.85 -6.78 -3.33
CA ASP A 147 6.02 -6.96 -2.16
C ASP A 147 4.72 -6.23 -2.46
N ASP A 148 3.69 -6.98 -2.82
CA ASP A 148 2.36 -6.51 -3.21
C ASP A 148 1.53 -5.89 -2.07
N LYS A 149 1.99 -6.00 -0.82
CA LYS A 149 1.30 -5.43 0.34
C LYS A 149 1.82 -4.02 0.61
N ASP A 150 3.16 -3.86 0.73
CA ASP A 150 3.84 -2.57 0.96
C ASP A 150 4.17 -1.80 -0.33
N LYS A 151 3.82 -2.38 -1.50
CA LYS A 151 4.06 -1.81 -2.84
C LYS A 151 5.53 -1.39 -3.02
N LYS A 152 6.48 -2.30 -2.71
CA LYS A 152 7.93 -2.05 -2.83
C LYS A 152 8.54 -3.08 -3.74
N CYS A 153 9.45 -2.62 -4.63
CA CYS A 153 10.25 -3.44 -5.53
C CYS A 153 11.64 -3.65 -4.90
N HIS A 154 12.05 -4.91 -4.75
CA HIS A 154 13.35 -5.23 -4.20
C HIS A 154 14.14 -5.89 -5.33
N ILE A 155 15.24 -5.28 -5.75
CA ILE A 155 16.06 -5.88 -6.80
C ILE A 155 16.87 -6.99 -6.12
N LEU A 156 16.89 -8.19 -6.70
CA LEU A 156 17.69 -9.24 -6.05
C LEU A 156 19.09 -9.23 -6.61
N TYR A 157 20.11 -9.05 -5.77
CA TYR A 157 21.49 -9.12 -6.25
C TYR A 157 21.83 -10.60 -6.60
N ILE A 158 21.35 -11.55 -5.77
CA ILE A 158 21.54 -13.00 -5.98
C ILE A 158 20.39 -13.62 -6.78
N ALA A 159 20.69 -14.13 -8.01
CA ALA A 159 19.73 -14.77 -8.92
C ALA A 159 19.57 -16.28 -8.67
N ALA A 160 20.51 -16.88 -7.87
CA ALA A 160 20.51 -18.28 -7.42
C ALA A 160 19.29 -18.49 -6.57
N GLN A 161 18.66 -19.69 -6.65
CA GLN A 161 17.45 -20.00 -5.89
C GLN A 161 17.57 -21.20 -4.94
N GLU A 162 18.52 -22.10 -5.22
CA GLU A 162 18.74 -23.27 -4.39
C GLU A 162 20.22 -23.65 -4.23
N ASN A 163 20.61 -23.84 -2.97
CA ASN A 163 21.92 -24.27 -2.52
C ASN A 163 21.69 -25.08 -1.24
N ASN A 164 21.32 -26.36 -1.39
CA ASN A 164 20.98 -27.19 -0.23
C ASN A 164 21.40 -28.67 -0.34
N GLY A 165 22.54 -28.89 -0.97
CA GLY A 165 23.13 -30.22 -1.13
C GLY A 165 23.53 -30.80 0.21
N PRO A 166 23.27 -32.11 0.48
CA PRO A 166 23.63 -32.70 1.79
C PRO A 166 25.09 -32.45 2.23
N ARG A 167 25.98 -32.21 1.22
CA ARG A 167 27.40 -31.90 1.34
C ARG A 167 27.70 -30.76 2.33
N TYR A 168 27.53 -29.48 1.90
CA TYR A 168 27.75 -28.29 2.73
C TYR A 168 26.57 -28.06 3.68
N CYS A 169 25.42 -28.69 3.38
CA CYS A 169 24.15 -28.55 4.09
C CYS A 169 23.60 -29.93 4.48
N ASN A 177 30.81 -18.51 8.49
CA ASN A 177 32.17 -18.87 8.09
C ASN A 177 32.24 -19.38 6.63
N SER A 178 31.15 -19.99 6.13
CA SER A 178 31.06 -20.55 4.78
C SER A 178 29.73 -20.17 4.08
N MET A 179 29.64 -20.45 2.74
CA MET A 179 28.47 -20.17 1.89
C MET A 179 27.17 -20.64 2.51
N PHE A 180 26.16 -19.76 2.57
CA PHE A 180 24.88 -20.12 3.19
C PHE A 180 24.08 -21.11 2.39
N CYS A 181 23.21 -21.85 3.06
CA CYS A 181 22.38 -22.84 2.39
C CYS A 181 20.97 -22.29 2.27
N PHE A 182 20.34 -22.54 1.11
CA PHE A 182 19.01 -21.96 0.87
C PHE A 182 18.19 -22.75 -0.13
N ARG A 183 16.86 -22.56 -0.09
CA ARG A 183 15.93 -23.23 -0.99
C ARG A 183 14.73 -22.31 -1.34
N PRO A 184 14.11 -22.47 -2.52
CA PRO A 184 12.91 -21.68 -2.83
C PRO A 184 11.69 -22.23 -2.09
N ALA A 185 10.71 -21.37 -1.77
CA ALA A 185 9.52 -21.86 -1.07
C ALA A 185 8.37 -20.91 -1.10
N LYS A 186 7.16 -21.44 -0.98
CA LYS A 186 5.97 -20.63 -0.77
C LYS A 186 5.67 -20.67 0.74
N ASP A 187 6.40 -19.86 1.51
CA ASP A 187 6.18 -19.76 2.97
C ASP A 187 5.03 -18.80 3.24
N ILE A 188 4.30 -18.98 4.36
CA ILE A 188 3.19 -18.08 4.76
C ILE A 188 3.62 -16.59 4.83
N SER A 189 4.88 -16.34 5.22
CA SER A 189 5.43 -14.99 5.29
C SER A 189 5.69 -14.38 3.92
N PHE A 190 5.65 -15.21 2.83
CA PHE A 190 5.89 -14.73 1.45
C PHE A 190 4.60 -14.55 0.67
N GLN A 191 3.44 -14.71 1.33
CA GLN A 191 2.14 -14.64 0.65
C GLN A 191 1.86 -13.43 -0.25
N ASN A 192 2.44 -12.28 0.08
CA ASN A 192 2.28 -11.04 -0.70
C ASN A 192 3.48 -10.75 -1.60
N TYR A 193 4.44 -11.70 -1.67
CA TYR A 193 5.63 -11.48 -2.51
C TYR A 193 5.38 -12.05 -3.89
N VAL A 194 6.02 -11.47 -4.88
CA VAL A 194 5.93 -11.93 -6.25
C VAL A 194 7.34 -12.03 -6.78
N TYR A 195 7.80 -13.22 -7.19
CA TYR A 195 9.15 -13.40 -7.75
C TYR A 195 9.13 -13.13 -9.25
N LEU A 196 9.98 -12.19 -9.72
CA LEU A 196 9.97 -11.71 -11.11
C LEU A 196 11.28 -11.88 -11.84
N SER A 197 11.27 -12.54 -12.98
CA SER A 197 12.46 -12.67 -13.82
C SER A 197 12.52 -11.38 -14.65
N LYS A 198 13.62 -11.18 -15.38
CA LYS A 198 13.77 -10.04 -16.31
C LYS A 198 12.74 -10.10 -17.47
N ASN A 199 12.15 -11.28 -17.74
CA ASN A 199 11.22 -11.48 -18.87
C ASN A 199 9.74 -11.33 -18.59
N VAL A 200 9.36 -10.90 -17.40
CA VAL A 200 7.93 -10.76 -17.03
C VAL A 200 7.22 -9.87 -18.05
N VAL A 201 6.20 -10.42 -18.72
CA VAL A 201 5.45 -9.75 -19.78
C VAL A 201 4.52 -8.65 -19.28
N ASP A 202 4.36 -7.60 -20.12
CA ASP A 202 3.49 -6.43 -19.91
C ASP A 202 2.07 -6.90 -19.66
N ASN A 203 1.61 -7.87 -20.45
CA ASN A 203 0.24 -8.38 -20.42
C ASN A 203 0.06 -9.64 -19.53
N TRP A 204 0.85 -9.77 -18.42
CA TRP A 204 0.76 -10.94 -17.51
C TRP A 204 -0.65 -11.21 -17.01
N GLU A 205 -1.41 -10.15 -16.67
CA GLU A 205 -2.76 -10.27 -16.14
C GLU A 205 -3.70 -11.04 -17.06
N LYS A 206 -3.50 -10.93 -18.38
CA LYS A 206 -4.33 -11.62 -19.35
C LYS A 206 -3.77 -12.98 -19.79
N VAL A 207 -2.44 -13.18 -19.77
CA VAL A 207 -1.84 -14.43 -20.24
C VAL A 207 -1.27 -15.35 -19.14
N CYS A 208 -1.22 -14.89 -17.88
CA CYS A 208 -0.64 -15.69 -16.80
C CYS A 208 -1.65 -16.04 -15.69
N PRO A 209 -1.48 -17.20 -15.02
CA PRO A 209 -2.39 -17.51 -13.90
C PRO A 209 -2.11 -16.62 -12.69
N ARG A 210 -3.15 -16.34 -11.90
CA ARG A 210 -2.94 -15.65 -10.64
C ARG A 210 -3.82 -16.28 -9.57
N LYS A 211 -5.14 -16.09 -9.69
CA LYS A 211 -6.10 -16.62 -8.74
C LYS A 211 -6.42 -18.08 -9.04
N ASN A 212 -6.67 -18.83 -7.96
CA ASN A 212 -7.10 -20.22 -7.97
C ASN A 212 -8.58 -20.24 -8.33
N LEU A 213 -9.03 -21.29 -9.01
CA LEU A 213 -10.42 -21.40 -9.47
C LEU A 213 -11.32 -22.23 -8.56
N GLN A 214 -12.19 -21.57 -7.79
CA GLN A 214 -13.13 -22.21 -6.85
C GLN A 214 -14.22 -22.91 -7.66
N ASN A 215 -14.67 -24.09 -7.19
CA ASN A 215 -15.70 -24.97 -7.81
C ASN A 215 -15.31 -25.46 -9.20
N ALA A 216 -14.01 -25.55 -9.45
CA ALA A 216 -13.48 -25.98 -10.72
C ALA A 216 -12.39 -26.98 -10.51
N LYS A 217 -12.30 -27.93 -11.41
CA LYS A 217 -11.33 -29.00 -11.50
C LYS A 217 -10.78 -28.90 -12.93
N PHE A 218 -9.45 -28.99 -13.11
CA PHE A 218 -8.87 -29.02 -14.47
C PHE A 218 -9.21 -30.37 -15.12
N GLY A 219 -9.43 -30.35 -16.43
CA GLY A 219 -9.72 -31.57 -17.17
C GLY A 219 -9.04 -31.58 -18.53
N LEU A 220 -9.35 -32.60 -19.33
CA LEU A 220 -8.81 -32.77 -20.67
C LEU A 220 -9.97 -32.95 -21.62
N TRP A 221 -10.05 -32.06 -22.61
CA TRP A 221 -11.12 -32.05 -23.61
C TRP A 221 -10.93 -33.21 -24.58
N VAL A 222 -11.90 -34.10 -24.63
CA VAL A 222 -11.87 -35.29 -25.48
C VAL A 222 -13.27 -35.47 -26.09
N ASP A 223 -13.33 -35.53 -27.44
CA ASP A 223 -14.54 -35.76 -28.25
C ASP A 223 -15.79 -34.99 -27.77
N GLY A 224 -15.64 -33.69 -27.55
CA GLY A 224 -16.76 -32.86 -27.11
C GLY A 224 -17.11 -32.88 -25.64
N ASN A 225 -16.27 -33.51 -24.81
CA ASN A 225 -16.53 -33.52 -23.36
C ASN A 225 -15.25 -33.29 -22.57
N CYS A 226 -15.36 -32.65 -21.40
CA CYS A 226 -14.25 -32.40 -20.52
C CYS A 226 -14.08 -33.59 -19.58
N GLU A 227 -13.05 -34.37 -19.85
CA GLU A 227 -12.76 -35.59 -19.10
C GLU A 227 -11.80 -35.31 -17.94
N ASP A 228 -11.91 -36.11 -16.87
CA ASP A 228 -11.02 -36.04 -15.72
C ASP A 228 -9.59 -36.34 -16.14
N ILE A 229 -8.59 -35.78 -15.42
CA ILE A 229 -7.19 -36.09 -15.65
C ILE A 229 -7.11 -37.61 -15.33
N PRO A 230 -6.68 -38.47 -16.30
CA PRO A 230 -6.77 -39.92 -16.07
C PRO A 230 -5.77 -40.53 -15.10
N HIS A 231 -4.70 -39.80 -14.81
CA HIS A 231 -3.69 -40.24 -13.86
C HIS A 231 -3.12 -39.02 -13.10
N VAL A 232 -3.30 -39.02 -11.79
CA VAL A 232 -2.84 -37.94 -10.88
C VAL A 232 -1.96 -38.52 -9.78
N ASN A 233 -1.18 -37.67 -9.11
CA ASN A 233 -0.31 -38.05 -7.99
C ASN A 233 -0.92 -37.38 -6.77
N GLU A 234 -1.53 -38.19 -5.88
CA GLU A 234 -2.27 -37.72 -4.71
C GLU A 234 -1.39 -37.51 -3.50
N PHE A 235 -1.36 -36.28 -3.02
CA PHE A 235 -0.62 -35.86 -1.84
C PHE A 235 -1.64 -35.24 -0.88
N PRO A 236 -1.59 -35.59 0.40
CA PRO A 236 -2.54 -34.99 1.36
C PRO A 236 -2.15 -33.53 1.71
N ALA A 237 -3.13 -32.64 1.84
CA ALA A 237 -2.96 -31.22 2.17
C ALA A 237 -4.16 -30.69 2.97
N ILE A 238 -3.89 -30.09 4.16
CA ILE A 238 -4.95 -29.56 5.03
C ILE A 238 -5.80 -28.44 4.41
N ASP A 239 -5.22 -27.61 3.53
CA ASP A 239 -5.95 -26.49 2.92
C ASP A 239 -5.32 -26.19 1.58
N LEU A 240 -5.91 -25.24 0.86
CA LEU A 240 -5.45 -24.79 -0.46
C LEU A 240 -4.01 -24.29 -0.45
N PHE A 241 -3.64 -23.51 0.53
CA PHE A 241 -2.26 -23.02 0.63
C PHE A 241 -1.21 -24.15 0.63
N GLU A 242 -1.46 -25.23 1.42
CA GLU A 242 -0.57 -26.40 1.50
C GLU A 242 -0.51 -27.16 0.19
N CYS A 243 -1.67 -27.26 -0.55
CA CYS A 243 -1.73 -27.89 -1.88
C CYS A 243 -0.85 -27.05 -2.86
N ASN A 244 -1.00 -25.70 -2.82
CA ASN A 244 -0.19 -24.81 -3.68
C ASN A 244 1.32 -24.93 -3.38
N LYS A 245 1.71 -25.06 -2.09
CA LYS A 245 3.09 -25.31 -1.65
C LYS A 245 3.61 -26.60 -2.30
N LEU A 246 2.79 -27.67 -2.29
CA LEU A 246 3.14 -28.98 -2.85
C LEU A 246 3.32 -28.94 -4.34
N VAL A 247 2.37 -28.29 -5.06
CA VAL A 247 2.47 -28.13 -6.52
C VAL A 247 3.77 -27.35 -6.85
N PHE A 248 4.05 -26.26 -6.12
CA PHE A 248 5.28 -25.46 -6.27
C PHE A 248 6.56 -26.32 -6.12
N GLU A 249 6.64 -27.11 -5.03
CA GLU A 249 7.74 -28.01 -4.71
C GLU A 249 8.04 -29.01 -5.83
N LEU A 250 7.01 -29.50 -6.52
CA LEU A 250 7.15 -30.52 -7.56
C LEU A 250 7.18 -29.94 -8.98
N SER A 251 7.01 -28.61 -9.12
CA SER A 251 6.90 -27.91 -10.40
C SER A 251 8.16 -27.91 -11.22
N ALA A 252 8.06 -27.38 -12.46
CA ALA A 252 9.22 -27.24 -13.35
C ALA A 252 10.43 -26.62 -12.60
N SER A 253 11.57 -27.26 -12.70
CA SER A 253 12.76 -26.80 -12.03
C SER A 253 13.94 -26.89 -12.98
N ASP A 254 14.74 -25.81 -13.03
CA ASP A 254 15.94 -25.70 -13.89
C ASP A 254 17.22 -26.06 -13.12
N GLN A 255 17.06 -26.77 -12.01
CA GLN A 255 18.13 -27.24 -11.16
C GLN A 255 17.80 -28.65 -10.67
N PRO A 256 18.73 -29.64 -10.77
CA PRO A 256 18.43 -30.97 -10.19
C PRO A 256 18.38 -30.88 -8.65
N LYS A 257 17.23 -31.28 -8.03
CA LYS A 257 16.99 -31.22 -6.57
C LYS A 257 18.10 -31.91 -5.73
N GLN A 258 18.29 -31.43 -4.48
CA GLN A 258 19.32 -31.94 -3.56
C GLN A 258 18.74 -32.40 -2.23
N ASP A 294 20.95 -25.62 -22.91
CA ASP A 294 19.90 -26.56 -22.52
C ASP A 294 20.45 -27.73 -21.68
N ARG A 295 21.15 -27.39 -20.58
CA ARG A 295 21.74 -28.41 -19.69
C ARG A 295 20.65 -29.04 -18.78
N TYR A 296 20.16 -28.26 -17.78
CA TYR A 296 19.16 -28.69 -16.81
C TYR A 296 17.81 -27.95 -17.01
N LYS A 297 17.69 -27.22 -18.13
CA LYS A 297 16.52 -26.42 -18.54
C LYS A 297 15.23 -27.23 -18.73
N SER A 298 14.25 -27.00 -17.85
CA SER A 298 12.93 -27.65 -17.89
C SER A 298 12.08 -27.17 -19.06
N HIS A 299 12.28 -25.88 -19.47
CA HIS A 299 11.48 -25.18 -20.47
C HIS A 299 10.01 -25.07 -20.04
N GLY A 300 9.73 -25.18 -18.75
CA GLY A 300 8.37 -25.10 -18.23
C GLY A 300 7.68 -26.44 -18.05
N LYS A 301 8.37 -27.57 -18.36
CA LYS A 301 7.84 -28.94 -18.23
C LYS A 301 7.98 -29.42 -16.79
N GLY A 302 6.89 -29.94 -16.25
CA GLY A 302 6.86 -30.47 -14.89
C GLY A 302 5.47 -30.53 -14.30
N TYR A 303 5.40 -30.88 -13.01
CA TYR A 303 4.15 -31.02 -12.26
C TYR A 303 3.74 -29.65 -11.76
N ASN A 304 3.17 -28.84 -12.67
CA ASN A 304 2.80 -27.45 -12.46
C ASN A 304 1.34 -27.24 -12.13
N TRP A 305 0.50 -28.30 -12.18
CA TRP A 305 -0.94 -28.19 -11.93
C TRP A 305 -1.41 -29.11 -10.80
N GLY A 306 -2.40 -28.64 -10.05
CA GLY A 306 -3.02 -29.42 -9.00
C GLY A 306 -4.52 -29.22 -8.97
N ASN A 307 -5.26 -30.27 -8.66
CA ASN A 307 -6.70 -30.16 -8.41
C ASN A 307 -6.85 -30.42 -6.91
N TYR A 308 -7.22 -29.39 -6.13
CA TYR A 308 -7.38 -29.61 -4.70
C TYR A 308 -8.82 -30.01 -4.32
N ASN A 309 -8.99 -31.23 -3.74
CA ASN A 309 -10.29 -31.65 -3.24
C ASN A 309 -10.38 -31.15 -1.80
N THR A 310 -11.22 -30.14 -1.55
CA THR A 310 -11.41 -29.52 -0.21
C THR A 310 -12.03 -30.49 0.84
N GLU A 311 -12.80 -31.49 0.37
CA GLU A 311 -13.45 -32.48 1.23
C GLU A 311 -12.55 -33.64 1.67
N THR A 312 -11.77 -34.21 0.75
CA THR A 312 -10.89 -35.35 1.04
C THR A 312 -9.52 -34.87 1.38
N GLN A 313 -9.29 -33.55 1.30
CA GLN A 313 -8.00 -32.92 1.62
C GLN A 313 -6.86 -33.58 0.84
N LYS A 314 -7.12 -33.72 -0.46
CA LYS A 314 -6.21 -34.34 -1.40
C LYS A 314 -5.78 -33.35 -2.46
N CYS A 315 -4.48 -33.23 -2.67
CA CYS A 315 -3.91 -32.36 -3.72
C CYS A 315 -3.52 -33.34 -4.88
N GLU A 316 -4.27 -33.30 -6.00
CA GLU A 316 -4.09 -34.21 -7.16
C GLU A 316 -3.26 -33.48 -8.19
N ILE A 317 -1.98 -33.80 -8.20
CA ILE A 317 -0.93 -33.20 -8.96
C ILE A 317 -0.63 -33.96 -10.26
N PHE A 318 -0.53 -33.21 -11.35
CA PHE A 318 -0.32 -33.76 -12.67
C PHE A 318 0.63 -32.89 -13.51
N ASN A 319 1.18 -33.47 -14.59
CA ASN A 319 2.23 -32.85 -15.39
C ASN A 319 1.95 -32.70 -16.87
N VAL A 320 0.68 -32.55 -17.28
CA VAL A 320 0.36 -32.30 -18.70
C VAL A 320 -0.48 -31.05 -18.69
N LYS A 321 -0.51 -30.29 -19.80
CA LYS A 321 -1.37 -29.12 -19.80
C LYS A 321 -2.87 -29.49 -19.79
N PRO A 322 -3.68 -28.82 -18.92
CA PRO A 322 -5.13 -29.06 -18.92
C PRO A 322 -5.75 -28.28 -20.08
N THR A 323 -6.85 -28.77 -20.63
CA THR A 323 -7.45 -28.13 -21.82
C THR A 323 -8.90 -27.68 -21.60
N CYS A 324 -9.44 -27.91 -20.38
CA CYS A 324 -10.80 -27.46 -20.04
C CYS A 324 -11.00 -27.47 -18.53
N LEU A 325 -12.14 -26.96 -18.06
CA LEU A 325 -12.51 -26.99 -16.64
C LEU A 325 -13.78 -27.79 -16.45
N ILE A 326 -13.91 -28.49 -15.30
CA ILE A 326 -15.08 -29.26 -14.89
C ILE A 326 -15.61 -28.53 -13.67
N ASN A 327 -16.91 -28.18 -13.68
CA ASN A 327 -17.58 -27.52 -12.55
C ASN A 327 -17.83 -28.59 -11.46
N ASP A 328 -17.07 -28.53 -10.35
CA ASP A 328 -17.18 -29.48 -9.22
C ASP A 328 -16.95 -28.73 -7.88
N LYS A 329 -18.05 -28.60 -7.10
CA LYS A 329 -18.14 -27.92 -5.80
C LYS A 329 -17.06 -28.32 -4.79
N SER A 330 -16.49 -29.50 -4.93
CA SER A 330 -15.47 -29.98 -3.97
C SER A 330 -14.05 -29.54 -4.31
N TYR A 331 -13.84 -28.97 -5.50
CA TYR A 331 -12.54 -28.62 -6.03
C TYR A 331 -12.15 -27.17 -6.14
N ILE A 332 -10.84 -26.93 -6.05
CA ILE A 332 -10.15 -25.67 -6.32
C ILE A 332 -9.00 -26.03 -7.26
N ALA A 333 -8.92 -25.38 -8.45
CA ALA A 333 -7.84 -25.63 -9.42
C ALA A 333 -6.71 -24.62 -9.19
N THR A 334 -5.49 -25.13 -9.00
CA THR A 334 -4.31 -24.31 -8.70
C THR A 334 -3.12 -24.62 -9.66
N THR A 335 -2.11 -23.75 -9.66
CA THR A 335 -0.87 -24.00 -10.42
C THR A 335 0.27 -23.53 -9.52
N ALA A 336 1.49 -23.98 -9.84
CA ALA A 336 2.73 -23.60 -9.19
C ALA A 336 2.92 -22.07 -9.22
N LEU A 337 2.47 -21.42 -10.33
CA LEU A 337 2.56 -19.97 -10.53
C LEU A 337 1.53 -19.18 -9.74
N SER A 338 0.35 -19.77 -9.49
CA SER A 338 -0.79 -19.10 -8.85
C SER A 338 -0.54 -18.59 -7.45
N HIS A 339 -1.32 -17.58 -7.06
CA HIS A 339 -1.33 -17.05 -5.71
C HIS A 339 -1.67 -18.20 -4.73
N PRO A 340 -0.98 -18.34 -3.59
CA PRO A 340 -1.25 -19.49 -2.71
C PRO A 340 -2.57 -19.41 -1.93
N ILE A 341 -3.23 -18.25 -1.89
CA ILE A 341 -4.44 -17.97 -1.13
C ILE A 341 -5.64 -17.43 -1.94
N GLU A 342 -5.44 -16.42 -2.78
CA GLU A 342 -6.52 -15.79 -3.58
C GLU A 342 -7.26 -16.81 -4.46
N VAL A 343 -8.61 -16.75 -4.43
CA VAL A 343 -9.55 -17.57 -5.18
C VAL A 343 -10.46 -16.68 -5.99
N GLU A 344 -10.81 -17.14 -7.20
CA GLU A 344 -11.78 -16.53 -8.08
C GLU A 344 -13.08 -17.27 -7.72
N ASN A 345 -13.98 -16.56 -7.04
CA ASN A 345 -15.25 -17.05 -6.48
C ASN A 345 -16.21 -17.81 -7.39
N ASN A 346 -16.31 -17.44 -8.66
CA ASN A 346 -17.26 -18.13 -9.51
C ASN A 346 -16.66 -18.88 -10.67
N PHE A 347 -17.25 -20.07 -10.98
CA PHE A 347 -16.91 -20.90 -12.12
C PHE A 347 -17.16 -20.09 -13.41
N PRO A 348 -16.21 -20.08 -14.38
CA PRO A 348 -16.39 -19.25 -15.58
C PRO A 348 -17.48 -19.65 -16.54
N SER A 349 -18.11 -18.64 -17.15
CA SER A 349 -19.16 -18.80 -18.15
C SER A 349 -18.44 -18.86 -19.50
N VAL A 350 -18.43 -20.05 -20.13
CA VAL A 350 -17.76 -20.21 -21.42
C VAL A 350 -18.77 -20.10 -22.59
N PRO A 351 -18.54 -19.19 -23.57
CA PRO A 351 -19.53 -19.04 -24.66
C PRO A 351 -19.54 -20.18 -25.68
N MET B 12 22.64 28.84 -6.24
CA MET B 12 23.12 27.87 -5.26
C MET B 12 22.29 26.56 -5.32
N GLY B 13 20.96 26.70 -5.29
CA GLY B 13 20.03 25.57 -5.33
C GLY B 13 19.68 25.05 -3.95
N ASN B 14 18.37 24.88 -3.69
CA ASN B 14 17.88 24.39 -2.38
C ASN B 14 17.94 22.86 -2.24
N PRO B 15 18.80 22.33 -1.34
CA PRO B 15 18.83 20.85 -1.15
C PRO B 15 17.63 20.29 -0.36
N TRP B 16 16.82 21.17 0.27
CA TRP B 16 15.67 20.83 1.12
C TRP B 16 14.35 20.58 0.39
N THR B 17 14.27 20.97 -0.88
CA THR B 17 13.07 20.87 -1.73
C THR B 17 12.15 19.67 -1.54
N GLU B 18 12.66 18.47 -1.77
CA GLU B 18 11.87 17.24 -1.71
C GLU B 18 11.48 16.93 -0.29
N TYR B 19 12.41 17.11 0.65
CA TYR B 19 12.18 16.87 2.07
C TYR B 19 11.05 17.78 2.63
N MET B 20 11.02 19.05 2.17
CA MET B 20 10.10 20.08 2.66
C MET B 20 8.74 20.09 1.98
N ALA B 21 8.56 19.20 0.98
CA ALA B 21 7.35 19.12 0.17
C ALA B 21 6.10 18.91 1.02
N LYS B 22 6.18 18.02 2.00
CA LYS B 22 5.06 17.72 2.92
C LYS B 22 4.65 18.87 3.85
N TYR B 23 5.52 19.89 3.99
CA TYR B 23 5.23 21.04 4.85
C TYR B 23 4.58 22.17 4.07
N ASP B 24 4.34 21.95 2.75
CA ASP B 24 3.67 22.93 1.90
C ASP B 24 2.18 22.61 1.98
N ILE B 25 1.61 22.95 3.13
CA ILE B 25 0.23 22.67 3.55
C ILE B 25 -0.87 23.13 2.60
N GLU B 26 -0.68 24.28 1.95
CA GLU B 26 -1.59 24.84 0.95
C GLU B 26 -1.71 23.95 -0.28
N GLU B 27 -0.61 23.29 -0.65
CA GLU B 27 -0.53 22.38 -1.79
C GLU B 27 -0.89 20.93 -1.41
N VAL B 28 -0.33 20.40 -0.29
CA VAL B 28 -0.51 18.98 0.06
C VAL B 28 -1.84 18.64 0.74
N HIS B 29 -2.45 19.59 1.44
CA HIS B 29 -3.70 19.43 2.17
C HIS B 29 -4.81 20.19 1.43
N GLY B 30 -4.55 21.46 1.15
CA GLY B 30 -5.42 22.32 0.33
C GLY B 30 -6.77 22.69 0.89
N SER B 31 -6.95 22.57 2.21
CA SER B 31 -8.23 22.94 2.84
C SER B 31 -7.98 23.38 4.26
N GLY B 32 -9.04 23.76 4.97
CA GLY B 32 -8.98 24.12 6.38
C GLY B 32 -8.47 22.96 7.21
N ILE B 33 -7.93 23.24 8.40
CA ILE B 33 -7.40 22.20 9.31
C ILE B 33 -8.27 22.16 10.56
N ARG B 34 -8.39 23.31 11.24
CA ARG B 34 -9.21 23.49 12.44
C ARG B 34 -10.67 23.16 12.07
N VAL B 35 -11.17 23.80 10.99
CA VAL B 35 -12.48 23.54 10.40
C VAL B 35 -12.20 23.32 8.92
N ASP B 36 -12.43 22.08 8.43
CA ASP B 36 -12.22 21.75 7.01
C ASP B 36 -13.61 21.64 6.37
N LEU B 37 -13.94 22.58 5.49
CA LEU B 37 -15.22 22.63 4.74
C LEU B 37 -14.91 23.24 3.39
N GLY B 38 -13.87 22.67 2.75
CA GLY B 38 -13.33 23.22 1.51
C GLY B 38 -13.99 22.84 0.20
N GLU B 39 -15.03 22.02 0.25
CA GLU B 39 -15.79 21.60 -0.92
C GLU B 39 -17.27 21.69 -0.62
N ASP B 40 -18.07 21.53 -1.66
CA ASP B 40 -19.52 21.54 -1.58
C ASP B 40 -19.99 20.26 -2.29
N ALA B 41 -21.02 19.61 -1.72
CA ALA B 41 -21.59 18.38 -2.26
C ALA B 41 -23.12 18.43 -2.25
N GLU B 42 -23.77 17.65 -3.13
CA GLU B 42 -25.22 17.69 -3.27
C GLU B 42 -25.97 16.47 -2.77
N VAL B 43 -27.10 16.68 -2.07
CA VAL B 43 -28.01 15.62 -1.60
C VAL B 43 -29.43 16.10 -1.88
N ALA B 44 -30.17 15.40 -2.78
CA ALA B 44 -31.57 15.72 -3.15
C ALA B 44 -31.74 17.19 -3.56
N GLY B 45 -30.87 17.62 -4.48
CA GLY B 45 -30.84 18.97 -5.03
C GLY B 45 -30.39 20.10 -4.12
N THR B 46 -29.99 19.78 -2.88
CA THR B 46 -29.51 20.77 -1.90
C THR B 46 -27.99 20.65 -1.70
N GLN B 47 -27.29 21.79 -1.76
CA GLN B 47 -25.84 21.87 -1.61
C GLN B 47 -25.45 21.98 -0.13
N TYR B 48 -24.40 21.24 0.26
CA TYR B 48 -23.85 21.22 1.62
C TYR B 48 -22.34 21.33 1.61
N ARG B 49 -21.80 22.08 2.58
CA ARG B 49 -20.35 22.23 2.77
C ARG B 49 -19.86 20.95 3.42
N LEU B 50 -18.70 20.44 3.00
CA LEU B 50 -18.16 19.21 3.58
C LEU B 50 -16.62 19.17 3.61
N PRO B 51 -15.99 18.39 4.53
CA PRO B 51 -14.52 18.32 4.55
C PRO B 51 -13.90 17.80 3.25
N SER B 52 -12.79 18.41 2.83
CA SER B 52 -12.11 18.04 1.58
C SER B 52 -10.56 17.98 1.64
N GLY B 53 -9.98 18.01 2.84
CA GLY B 53 -8.54 18.02 3.02
C GLY B 53 -7.85 16.76 2.56
N LYS B 54 -6.68 16.88 1.94
CA LYS B 54 -5.99 15.70 1.44
C LYS B 54 -5.15 14.99 2.46
N CYS B 55 -4.87 15.65 3.58
CA CYS B 55 -4.05 15.05 4.62
C CYS B 55 -4.87 14.58 5.84
N PRO B 56 -4.41 13.52 6.55
CA PRO B 56 -5.08 13.17 7.81
C PRO B 56 -4.72 14.28 8.85
N VAL B 57 -5.65 14.59 9.78
CA VAL B 57 -5.40 15.58 10.84
C VAL B 57 -5.23 14.76 12.15
N PHE B 58 -3.98 14.59 12.63
CA PHE B 58 -3.67 13.78 13.81
C PHE B 58 -4.04 14.45 15.14
N GLY B 59 -4.80 13.74 15.98
CA GLY B 59 -5.21 14.22 17.30
C GLY B 59 -6.44 15.11 17.32
N LYS B 60 -7.10 15.29 16.17
CA LYS B 60 -8.29 16.15 16.10
C LYS B 60 -9.56 15.39 16.44
N GLY B 61 -10.38 16.03 17.27
CA GLY B 61 -11.70 15.54 17.65
C GLY B 61 -12.63 16.71 17.83
N ILE B 62 -13.86 16.44 18.27
CA ILE B 62 -14.89 17.47 18.49
C ILE B 62 -15.31 17.43 19.97
N ILE B 63 -15.34 18.62 20.60
CA ILE B 63 -15.78 18.73 22.00
C ILE B 63 -17.20 19.25 21.97
N ILE B 64 -18.18 18.47 22.48
CA ILE B 64 -19.57 18.88 22.58
C ILE B 64 -19.73 19.48 23.98
N GLU B 65 -20.14 20.75 24.04
CA GLU B 65 -20.28 21.46 25.32
C GLU B 65 -21.53 20.97 26.07
N ASN B 66 -21.38 20.75 27.40
CA ASN B 66 -22.43 20.29 28.32
C ASN B 66 -23.06 19.01 27.80
N SER B 67 -22.21 18.04 27.46
CA SER B 67 -22.63 16.76 26.91
C SER B 67 -22.32 15.61 27.84
N LYS B 68 -23.21 14.61 27.82
CA LYS B 68 -23.08 13.38 28.60
C LYS B 68 -22.10 12.46 27.89
N THR B 69 -21.96 12.61 26.55
CA THR B 69 -21.15 11.74 25.69
C THR B 69 -20.11 12.43 24.81
N THR B 70 -19.18 11.61 24.29
CA THR B 70 -18.15 11.99 23.35
C THR B 70 -18.76 12.04 21.94
N PHE B 71 -18.10 12.74 21.01
CA PHE B 71 -18.59 12.91 19.65
C PHE B 71 -18.62 11.60 18.83
N LEU B 72 -17.89 10.57 19.25
CA LEU B 72 -17.84 9.27 18.55
C LEU B 72 -19.06 8.37 18.84
N THR B 73 -19.91 8.81 19.79
CA THR B 73 -21.17 8.15 20.13
C THR B 73 -22.08 8.36 18.89
N PRO B 74 -22.93 7.39 18.45
CA PRO B 74 -23.83 7.65 17.32
C PRO B 74 -24.74 8.86 17.54
N VAL B 75 -25.26 9.43 16.46
CA VAL B 75 -26.18 10.57 16.54
C VAL B 75 -27.46 10.16 17.27
N ALA B 76 -28.20 11.14 17.85
CA ALA B 76 -29.50 10.88 18.47
C ALA B 76 -30.50 10.89 17.30
N THR B 77 -31.64 10.18 17.43
CA THR B 77 -32.64 10.11 16.35
C THR B 77 -33.79 11.13 16.54
N GLY B 78 -34.62 11.25 15.50
CA GLY B 78 -35.77 12.14 15.46
C GLY B 78 -35.47 13.59 15.78
N ASN B 79 -36.19 14.13 16.77
CA ASN B 79 -36.06 15.53 17.21
C ASN B 79 -34.84 15.75 18.09
N GLN B 80 -34.25 14.67 18.65
CA GLN B 80 -33.06 14.80 19.48
C GLN B 80 -31.76 14.94 18.63
N TYR B 81 -31.88 14.72 17.31
CA TYR B 81 -30.80 14.83 16.33
C TYR B 81 -30.26 16.26 16.38
N LEU B 82 -28.93 16.39 16.59
CA LEU B 82 -28.21 17.66 16.75
C LEU B 82 -28.43 18.35 18.12
N LYS B 83 -29.06 17.63 19.09
CA LYS B 83 -29.34 18.16 20.43
C LYS B 83 -28.76 17.26 21.50
N ASP B 84 -28.82 15.95 21.26
CA ASP B 84 -28.35 14.86 22.13
C ASP B 84 -27.45 13.92 21.31
N GLY B 85 -26.84 12.94 21.98
CA GLY B 85 -25.92 11.98 21.36
C GLY B 85 -24.66 12.59 20.77
N GLY B 86 -24.02 11.85 19.87
CA GLY B 86 -22.77 12.30 19.23
C GLY B 86 -22.87 12.69 17.77
N PHE B 87 -21.80 12.40 17.02
CA PHE B 87 -21.66 12.76 15.59
C PHE B 87 -21.57 11.52 14.73
N ALA B 88 -21.39 10.36 15.37
CA ALA B 88 -21.18 9.15 14.62
C ALA B 88 -22.39 8.61 13.90
N PHE B 89 -22.13 7.81 12.87
CA PHE B 89 -23.16 7.18 12.05
C PHE B 89 -24.03 6.31 12.96
N PRO B 90 -25.39 6.42 12.82
CA PRO B 90 -26.26 5.57 13.65
C PRO B 90 -26.16 4.09 13.24
N PRO B 91 -26.48 3.11 14.13
CA PRO B 91 -26.37 1.69 13.72
C PRO B 91 -27.30 1.37 12.54
N THR B 92 -26.75 0.71 11.53
CA THR B 92 -27.43 0.32 10.29
C THR B 92 -27.44 -1.20 10.10
N GLU B 93 -28.22 -1.68 9.10
CA GLU B 93 -28.29 -3.10 8.75
C GLU B 93 -27.85 -3.31 7.28
N PRO B 94 -26.67 -3.92 7.00
CA PRO B 94 -25.65 -4.41 7.96
C PRO B 94 -24.90 -3.27 8.64
N LEU B 95 -24.23 -3.56 9.76
CA LEU B 95 -23.48 -2.58 10.52
C LEU B 95 -22.25 -2.08 9.77
N MET B 96 -22.30 -0.81 9.37
CA MET B 96 -21.24 -0.13 8.63
C MET B 96 -20.27 0.63 9.52
N SER B 97 -20.78 1.19 10.64
CA SER B 97 -20.00 1.97 11.60
C SER B 97 -20.37 1.66 13.05
N PRO B 98 -19.36 1.52 13.96
CA PRO B 98 -17.91 1.46 13.68
C PRO B 98 -17.50 0.12 13.07
N MET B 99 -16.38 0.12 12.33
CA MET B 99 -15.84 -1.08 11.71
C MET B 99 -14.35 -1.16 11.98
N THR B 100 -13.89 -2.29 12.51
CA THR B 100 -12.48 -2.53 12.82
C THR B 100 -11.69 -2.68 11.53
N LEU B 101 -10.33 -2.59 11.62
CA LEU B 101 -9.45 -2.77 10.48
C LEU B 101 -9.72 -4.14 9.79
N ASP B 102 -9.66 -5.26 10.55
CA ASP B 102 -9.88 -6.62 10.03
C ASP B 102 -11.25 -6.77 9.36
N GLU B 103 -12.31 -6.25 9.98
CA GLU B 103 -13.67 -6.26 9.41
C GLU B 103 -13.70 -5.47 8.10
N MET B 104 -12.96 -4.32 8.03
CA MET B 104 -12.89 -3.48 6.82
C MET B 104 -12.17 -4.22 5.70
N ARG B 105 -11.00 -4.80 6.00
CA ARG B 105 -10.18 -5.56 5.07
C ARG B 105 -10.93 -6.76 4.49
N HIS B 106 -11.79 -7.41 5.32
CA HIS B 106 -12.64 -8.53 4.92
C HIS B 106 -13.81 -8.04 4.06
N PHE B 107 -14.47 -6.94 4.45
CA PHE B 107 -15.60 -6.34 3.71
C PHE B 107 -15.19 -5.87 2.31
N TYR B 108 -13.89 -5.58 2.13
CA TYR B 108 -13.33 -5.09 0.86
C TYR B 108 -12.38 -6.09 0.18
N LYS B 109 -12.40 -7.38 0.61
CA LYS B 109 -11.58 -8.49 0.10
C LYS B 109 -11.54 -8.63 -1.44
N ASP B 110 -12.69 -8.36 -2.11
CA ASP B 110 -12.87 -8.40 -3.57
C ASP B 110 -12.17 -7.26 -4.31
N ASN B 111 -12.23 -6.02 -3.75
CA ASN B 111 -11.63 -4.83 -4.36
C ASN B 111 -10.10 -4.80 -4.22
N LYS B 112 -9.42 -5.02 -5.36
CA LYS B 112 -7.95 -5.05 -5.52
C LYS B 112 -7.30 -3.72 -5.10
N TYR B 113 -7.95 -2.60 -5.45
CA TYR B 113 -7.46 -1.24 -5.21
C TYR B 113 -7.68 -0.73 -3.78
N VAL B 114 -8.65 -1.29 -3.06
CA VAL B 114 -9.05 -0.90 -1.70
C VAL B 114 -8.48 -1.83 -0.60
N LYS B 115 -8.53 -3.17 -0.80
CA LYS B 115 -8.09 -4.18 0.16
C LYS B 115 -6.73 -3.94 0.83
N ASN B 116 -5.72 -3.55 0.02
CA ASN B 116 -4.35 -3.35 0.52
C ASN B 116 -4.00 -1.95 1.09
N LEU B 117 -4.94 -0.97 0.98
CA LEU B 117 -4.77 0.42 1.43
C LEU B 117 -4.39 0.51 2.88
N ASP B 118 -3.65 1.56 3.26
CA ASP B 118 -3.31 1.68 4.68
C ASP B 118 -4.58 2.07 5.45
N GLU B 119 -4.60 1.71 6.73
CA GLU B 119 -5.73 1.89 7.64
C GLU B 119 -6.49 3.23 7.55
N LEU B 120 -5.75 4.35 7.38
CA LEU B 120 -6.36 5.68 7.33
C LEU B 120 -7.07 5.92 6.02
N THR B 121 -6.42 5.55 4.90
CA THR B 121 -7.02 5.68 3.56
C THR B 121 -8.24 4.77 3.45
N LEU B 122 -8.13 3.53 3.96
CA LEU B 122 -9.20 2.53 3.98
C LEU B 122 -10.42 3.07 4.71
N CYS B 123 -10.23 3.66 5.90
CA CYS B 123 -11.30 4.24 6.71
C CYS B 123 -11.99 5.38 5.97
N SER B 124 -11.20 6.24 5.32
CA SER B 124 -11.70 7.32 4.48
C SER B 124 -12.54 6.79 3.28
N ARG B 125 -12.05 5.71 2.61
CA ARG B 125 -12.77 5.13 1.47
CA ARG B 125 -12.75 5.11 1.47
C ARG B 125 -14.05 4.43 1.93
N HIS B 126 -14.01 3.78 3.12
CA HIS B 126 -15.16 3.10 3.71
C HIS B 126 -16.26 4.12 4.02
N ALA B 127 -15.90 5.25 4.66
CA ALA B 127 -16.84 6.32 4.93
C ALA B 127 -17.39 6.91 3.63
N GLY B 128 -16.53 7.03 2.60
CA GLY B 128 -16.88 7.56 1.28
C GLY B 128 -17.82 6.68 0.47
N ASN B 129 -18.05 5.42 0.90
CA ASN B 129 -18.94 4.45 0.25
C ASN B 129 -20.42 4.72 0.56
N MET B 130 -20.70 5.30 1.74
CA MET B 130 -22.06 5.54 2.21
CA MET B 130 -22.05 5.58 2.25
C MET B 130 -22.75 6.71 1.54
N ILE B 131 -23.85 6.42 0.84
CA ILE B 131 -24.64 7.42 0.12
C ILE B 131 -25.79 7.91 1.00
N PRO B 132 -25.91 9.24 1.24
CA PRO B 132 -27.05 9.75 2.04
C PRO B 132 -28.38 9.59 1.30
N ASP B 133 -29.47 9.15 2.00
CA ASP B 133 -30.84 8.97 1.47
C ASP B 133 -30.94 8.10 0.20
N ASN B 134 -29.89 7.31 -0.09
CA ASN B 134 -29.72 6.49 -1.28
C ASN B 134 -29.83 7.31 -2.60
N ASP B 135 -29.65 8.66 -2.51
CA ASP B 135 -29.69 9.56 -3.67
C ASP B 135 -28.57 9.15 -4.62
N LYS B 136 -28.92 8.46 -5.71
CA LYS B 136 -27.94 7.91 -6.67
C LYS B 136 -27.04 8.95 -7.33
N ASN B 137 -27.55 10.19 -7.43
CA ASN B 137 -26.85 11.33 -8.02
C ASN B 137 -25.88 12.03 -7.05
N SER B 138 -26.03 11.79 -5.72
CA SER B 138 -25.24 12.46 -4.67
C SER B 138 -23.77 12.18 -4.69
N ASN B 139 -23.00 13.26 -4.60
CA ASN B 139 -21.53 13.17 -4.53
C ASN B 139 -21.06 13.40 -3.07
N TYR B 140 -22.00 13.50 -2.11
CA TYR B 140 -21.71 13.71 -0.70
C TYR B 140 -21.06 12.51 -0.06
N LYS B 141 -19.84 12.70 0.49
CA LYS B 141 -19.12 11.63 1.18
C LYS B 141 -18.86 12.06 2.61
N TYR B 142 -19.29 11.22 3.57
CA TYR B 142 -19.17 11.54 4.98
C TYR B 142 -17.71 11.53 5.40
N PRO B 143 -17.29 12.42 6.33
CA PRO B 143 -15.92 12.30 6.86
C PRO B 143 -15.85 11.11 7.86
N ALA B 144 -14.66 10.82 8.38
CA ALA B 144 -14.49 9.74 9.33
C ALA B 144 -13.44 10.09 10.39
N VAL B 145 -13.45 9.34 11.49
CA VAL B 145 -12.45 9.38 12.53
C VAL B 145 -11.94 7.94 12.66
N TYR B 146 -10.61 7.76 12.60
CA TYR B 146 -9.98 6.49 12.83
C TYR B 146 -9.31 6.53 14.19
N ASP B 147 -9.53 5.47 14.99
CA ASP B 147 -8.92 5.34 16.30
C ASP B 147 -7.74 4.40 16.17
N ASP B 148 -6.49 4.95 16.15
CA ASP B 148 -5.25 4.17 16.04
C ASP B 148 -4.98 3.21 17.21
N LYS B 149 -5.58 3.47 18.38
CA LYS B 149 -5.44 2.61 19.57
C LYS B 149 -6.23 1.31 19.38
N ASP B 150 -7.57 1.41 19.19
CA ASP B 150 -8.49 0.28 19.02
C ASP B 150 -8.61 -0.22 17.60
N LYS B 151 -7.99 0.50 16.62
CA LYS B 151 -8.02 0.17 15.18
C LYS B 151 -9.47 0.10 14.65
N LYS B 152 -10.27 1.11 14.99
CA LYS B 152 -11.68 1.22 14.60
C LYS B 152 -11.90 2.44 13.74
N CYS B 153 -12.68 2.26 12.69
CA CYS B 153 -13.08 3.32 11.76
C CYS B 153 -14.50 3.76 12.17
N HIS B 154 -14.69 5.05 12.45
CA HIS B 154 -15.98 5.61 12.81
C HIS B 154 -16.40 6.59 11.74
N ILE B 155 -17.50 6.29 11.06
CA ILE B 155 -18.02 7.18 10.03
C ILE B 155 -18.78 8.26 10.77
N LEU B 156 -18.50 9.53 10.46
CA LEU B 156 -19.19 10.61 11.13
C LEU B 156 -20.39 10.99 10.31
N TYR B 157 -21.59 11.02 10.95
CA TYR B 157 -22.81 11.45 10.25
C TYR B 157 -22.77 12.99 10.08
N ILE B 158 -22.35 13.71 11.14
CA ILE B 158 -22.22 15.16 11.19
C ILE B 158 -20.81 15.57 10.69
N ALA B 159 -20.79 16.37 9.60
CA ALA B 159 -19.59 16.88 8.95
C ALA B 159 -19.19 18.26 9.49
N ALA B 160 -20.11 18.92 10.21
CA ALA B 160 -19.91 20.21 10.90
C ALA B 160 -18.87 19.99 12.02
N GLN B 161 -18.03 21.00 12.28
CA GLN B 161 -16.94 20.90 13.25
C GLN B 161 -16.98 21.99 14.31
N GLU B 162 -17.74 23.08 14.03
CA GLU B 162 -17.92 24.19 14.96
C GLU B 162 -19.30 24.84 14.98
N ASN B 163 -19.88 24.97 16.18
CA ASN B 163 -21.14 25.64 16.45
C ASN B 163 -20.94 26.25 17.83
N ASN B 164 -20.23 27.38 17.88
CA ASN B 164 -19.88 28.02 19.14
C ASN B 164 -20.02 29.55 19.12
N GLY B 165 -21.21 30.01 18.75
CA GLY B 165 -21.55 31.43 18.71
C GLY B 165 -22.37 31.89 19.90
N PRO B 166 -22.59 33.21 20.08
CA PRO B 166 -23.39 33.68 21.23
C PRO B 166 -24.90 33.43 21.11
N ARG B 167 -25.39 33.17 19.88
CA ARG B 167 -26.80 32.92 19.57
C ARG B 167 -27.32 31.59 20.16
N TYR B 168 -26.82 30.44 19.67
CA TYR B 168 -27.18 29.08 20.13
C TYR B 168 -26.73 28.85 21.58
N CYS B 169 -25.55 29.39 21.94
CA CYS B 169 -24.88 29.22 23.23
C CYS B 169 -24.86 30.52 24.05
N SER B 178 -31.95 25.18 20.25
CA SER B 178 -31.89 23.98 21.08
C SER B 178 -30.72 23.06 20.68
N MET B 179 -30.15 23.27 19.47
CA MET B 179 -29.02 22.53 18.90
C MET B 179 -27.77 22.65 19.78
N PHE B 180 -27.07 21.51 20.04
CA PHE B 180 -25.85 21.49 20.86
C PHE B 180 -24.72 22.39 20.35
N CYS B 181 -23.89 22.86 21.27
CA CYS B 181 -22.72 23.68 20.95
C CYS B 181 -21.46 22.84 20.98
N PHE B 182 -20.57 23.08 20.00
CA PHE B 182 -19.37 22.28 19.83
C PHE B 182 -18.21 23.01 19.13
N ARG B 183 -16.98 22.55 19.38
CA ARG B 183 -15.78 23.11 18.79
C ARG B 183 -14.77 22.01 18.45
N PRO B 184 -13.92 22.22 17.42
CA PRO B 184 -12.86 21.23 17.13
C PRO B 184 -11.72 21.39 18.13
N ALA B 185 -10.98 20.31 18.43
CA ALA B 185 -9.89 20.45 19.38
C ALA B 185 -8.92 19.32 19.34
N LYS B 186 -7.72 19.58 19.83
CA LYS B 186 -6.68 18.60 20.08
C LYS B 186 -6.66 18.49 21.61
N ASP B 187 -7.23 17.42 22.11
CA ASP B 187 -7.36 17.07 23.52
C ASP B 187 -6.51 15.83 23.77
N ILE B 188 -5.98 15.67 24.99
CA ILE B 188 -5.16 14.50 25.37
C ILE B 188 -5.90 13.19 25.09
N SER B 189 -7.23 13.19 25.30
CA SER B 189 -8.03 11.99 25.06
C SER B 189 -8.27 11.72 23.59
N PHE B 190 -7.88 12.66 22.68
CA PHE B 190 -8.02 12.52 21.23
C PHE B 190 -6.71 12.14 20.55
N GLN B 191 -5.60 12.01 21.30
CA GLN B 191 -4.25 11.74 20.77
C GLN B 191 -4.14 10.64 19.71
N ASN B 192 -4.94 9.57 19.85
CA ASN B 192 -4.99 8.44 18.93
C ASN B 192 -6.04 8.56 17.85
N TYR B 193 -6.84 9.63 17.86
CA TYR B 193 -7.86 9.83 16.81
C TYR B 193 -7.21 10.50 15.63
N VAL B 194 -7.76 10.25 14.45
CA VAL B 194 -7.29 10.83 13.19
C VAL B 194 -8.54 11.29 12.47
N TYR B 195 -8.67 12.60 12.22
CA TYR B 195 -9.81 13.16 11.51
C TYR B 195 -9.56 13.05 10.01
N LEU B 196 -10.48 12.41 9.29
CA LEU B 196 -10.33 12.07 7.87
C LEU B 196 -11.41 12.62 7.00
N SER B 197 -11.05 13.39 5.96
CA SER B 197 -12.05 13.88 5.01
C SER B 197 -12.17 12.78 3.97
N LYS B 198 -13.10 12.95 3.04
CA LYS B 198 -13.27 12.00 1.95
C LYS B 198 -12.05 12.01 0.98
N ASN B 199 -11.23 13.09 0.95
CA ASN B 199 -10.10 13.23 0.02
C ASN B 199 -8.75 12.76 0.51
N VAL B 200 -8.67 12.12 1.68
CA VAL B 200 -7.39 11.66 2.24
C VAL B 200 -6.62 10.77 1.23
N VAL B 201 -5.41 11.21 0.84
CA VAL B 201 -4.58 10.53 -0.18
C VAL B 201 -3.96 9.22 0.29
N ASP B 202 -3.74 8.26 -0.65
CA ASP B 202 -3.17 6.95 -0.26
C ASP B 202 -1.69 6.98 0.11
N ASN B 203 -0.95 7.92 -0.45
CA ASN B 203 0.48 8.12 -0.17
C ASN B 203 0.68 9.21 0.94
N TRP B 204 -0.30 9.37 1.90
CA TRP B 204 -0.23 10.36 2.98
C TRP B 204 1.08 10.32 3.77
N GLU B 205 1.63 9.11 4.06
CA GLU B 205 2.88 8.93 4.81
C GLU B 205 4.05 9.64 4.19
N LYS B 206 4.06 9.72 2.86
CA LYS B 206 5.12 10.38 2.10
C LYS B 206 4.90 11.84 1.86
N VAL B 207 3.64 12.29 1.66
CA VAL B 207 3.33 13.67 1.31
C VAL B 207 2.73 14.55 2.41
N CYS B 208 2.32 13.95 3.53
CA CYS B 208 1.68 14.72 4.61
C CYS B 208 2.52 14.70 5.89
N PRO B 209 2.45 15.75 6.75
CA PRO B 209 3.18 15.68 8.04
C PRO B 209 2.53 14.70 9.02
N ARG B 210 3.33 14.19 9.95
CA ARG B 210 2.81 13.36 11.06
C ARG B 210 3.67 13.62 12.29
N LYS B 211 4.91 13.21 12.24
CA LYS B 211 5.84 13.37 13.36
C LYS B 211 6.43 14.76 13.46
N ASN B 212 6.66 15.20 14.71
CA ASN B 212 7.31 16.45 15.01
C ASN B 212 8.83 16.21 14.87
N LEU B 213 9.57 17.27 14.50
CA LEU B 213 11.01 17.13 14.21
C LEU B 213 11.87 17.67 15.35
N GLN B 214 12.52 16.78 16.09
CA GLN B 214 13.36 17.11 17.25
C GLN B 214 14.65 17.76 16.76
N ASN B 215 15.15 18.75 17.52
CA ASN B 215 16.38 19.49 17.21
C ASN B 215 16.28 20.20 15.84
N ALA B 216 15.05 20.57 15.45
CA ALA B 216 14.76 21.25 14.19
C ALA B 216 13.85 22.42 14.37
N LYS B 217 14.15 23.47 13.63
CA LYS B 217 13.25 24.60 13.50
C LYS B 217 13.11 24.92 12.04
N PHE B 218 11.89 25.22 11.62
CA PHE B 218 11.64 25.62 10.25
C PHE B 218 12.34 26.93 9.94
N GLY B 219 12.75 27.09 8.70
CA GLY B 219 13.39 28.30 8.21
C GLY B 219 13.06 28.58 6.78
N LEU B 220 13.66 29.64 6.21
CA LEU B 220 13.44 30.06 4.82
C LEU B 220 14.73 30.07 4.06
N TRP B 221 14.80 29.29 2.97
CA TRP B 221 16.02 29.18 2.17
C TRP B 221 16.25 30.44 1.35
N VAL B 222 17.34 31.12 1.63
CA VAL B 222 17.69 32.37 0.98
C VAL B 222 19.19 32.33 0.66
N ASP B 223 19.51 32.45 -0.66
CA ASP B 223 20.86 32.50 -1.21
C ASP B 223 21.84 31.49 -0.61
N GLY B 224 21.50 30.20 -0.70
CA GLY B 224 22.34 29.15 -0.17
C GLY B 224 22.44 29.02 1.34
N ASN B 225 21.50 29.63 2.08
CA ASN B 225 21.47 29.52 3.53
C ASN B 225 20.03 29.46 4.09
N CYS B 226 19.85 28.69 5.16
CA CYS B 226 18.57 28.59 5.85
C CYS B 226 18.52 29.69 6.89
N GLU B 227 17.68 30.68 6.60
CA GLU B 227 17.49 31.82 7.46
C GLU B 227 16.34 31.55 8.39
N ASP B 228 16.32 32.21 9.55
CA ASP B 228 15.21 32.10 10.48
C ASP B 228 13.92 32.72 9.89
N ILE B 229 12.74 32.23 10.34
CA ILE B 229 11.48 32.88 9.97
C ILE B 229 11.63 34.33 10.54
N PRO B 230 11.53 35.40 9.70
CA PRO B 230 11.82 36.77 10.19
C PRO B 230 10.78 37.45 11.05
N HIS B 231 9.55 36.93 11.04
CA HIS B 231 8.45 37.44 11.86
C HIS B 231 7.60 36.25 12.30
N VAL B 232 7.53 36.02 13.61
CA VAL B 232 6.76 34.95 14.26
C VAL B 232 5.82 35.53 15.32
N ASN B 233 4.78 34.76 15.68
CA ASN B 233 3.80 35.14 16.68
C ASN B 233 4.04 34.22 17.87
N GLU B 234 4.55 34.79 18.97
CA GLU B 234 4.94 33.97 20.12
C GLU B 234 3.86 33.81 21.14
N PHE B 235 3.61 32.55 21.49
CA PHE B 235 2.60 32.11 22.45
C PHE B 235 3.31 31.22 23.44
N PRO B 236 3.07 31.38 24.73
CA PRO B 236 3.77 30.54 25.72
C PRO B 236 3.11 29.14 25.79
N ALA B 237 3.91 28.09 25.88
CA ALA B 237 3.37 26.72 25.95
C ALA B 237 4.25 25.85 26.84
N ILE B 238 3.64 25.21 27.85
CA ILE B 238 4.40 24.39 28.80
C ILE B 238 5.18 23.22 28.18
N ASP B 239 4.67 22.63 27.06
CA ASP B 239 5.28 21.47 26.39
C ASP B 239 4.87 21.42 24.93
N LEU B 240 5.38 20.44 24.18
CA LEU B 240 5.11 20.31 22.74
C LEU B 240 3.62 20.17 22.43
N PHE B 241 2.91 19.37 23.23
CA PHE B 241 1.49 19.12 23.07
C PHE B 241 0.69 20.41 23.06
N GLU B 242 0.98 21.31 24.05
CA GLU B 242 0.33 22.61 24.17
C GLU B 242 0.63 23.53 22.97
N CYS B 243 1.87 23.47 22.42
CA CYS B 243 2.27 24.22 21.22
C CYS B 243 1.47 23.73 20.02
N ASN B 244 1.43 22.39 19.82
CA ASN B 244 0.70 21.79 18.69
C ASN B 244 -0.77 22.17 18.76
N LYS B 245 -1.33 22.18 19.98
CA LYS B 245 -2.71 22.54 20.27
C LYS B 245 -2.98 24.01 19.91
N LEU B 246 -2.03 24.90 20.18
CA LEU B 246 -2.12 26.34 19.85
C LEU B 246 -2.07 26.56 18.35
N VAL B 247 -1.14 25.87 17.66
CA VAL B 247 -0.97 25.96 16.21
C VAL B 247 -2.30 25.50 15.55
N PHE B 248 -2.87 24.39 16.03
CA PHE B 248 -4.15 23.86 15.55
C PHE B 248 -5.26 24.94 15.72
N GLU B 249 -5.35 25.57 16.92
CA GLU B 249 -6.31 26.65 17.19
C GLU B 249 -6.21 27.81 16.19
N LEU B 250 -4.96 28.18 15.79
CA LEU B 250 -4.72 29.31 14.88
C LEU B 250 -4.70 28.94 13.41
N SER B 251 -4.74 27.64 13.10
CA SER B 251 -4.56 27.13 11.73
C SER B 251 -5.67 27.46 10.73
N ALA B 252 -5.44 27.11 9.42
CA ALA B 252 -6.41 27.33 8.34
C ALA B 252 -7.81 26.87 8.81
N SER B 253 -8.81 27.74 8.64
CA SER B 253 -10.18 27.44 9.04
C SER B 253 -11.16 27.90 7.98
N ASP B 254 -12.09 27.02 7.63
CA ASP B 254 -13.09 27.24 6.61
C ASP B 254 -14.40 27.82 7.12
N GLN B 255 -14.38 28.31 8.35
CA GLN B 255 -15.54 28.89 8.98
C GLN B 255 -15.09 29.95 9.98
N PRO B 256 -15.71 31.15 9.96
CA PRO B 256 -15.31 32.20 10.93
C PRO B 256 -15.62 31.83 12.39
N LYS B 257 -14.68 32.10 13.30
CA LYS B 257 -14.86 31.87 14.74
C LYS B 257 -15.68 33.02 15.35
N GLN B 258 -16.54 32.71 16.34
CA GLN B 258 -17.40 33.68 17.04
C GLN B 258 -17.39 33.43 18.54
N ASP B 294 -17.45 29.68 -1.18
CA ASP B 294 -16.11 30.02 -1.67
C ASP B 294 -15.45 31.13 -0.83
N ARG B 295 -16.25 32.03 -0.24
N ARG B 295 -16.28 32.01 -0.23
CA ARG B 295 -15.75 33.15 0.57
CA ARG B 295 -15.92 33.16 0.59
C ARG B 295 -15.11 32.76 1.89
C ARG B 295 -15.21 32.82 1.91
N TYR B 296 -15.61 31.71 2.54
CA TYR B 296 -15.07 31.24 3.82
C TYR B 296 -13.95 30.22 3.67
N LYS B 297 -13.72 29.71 2.44
CA LYS B 297 -12.68 28.73 2.13
C LYS B 297 -11.26 29.29 2.28
N SER B 298 -10.46 28.66 3.16
CA SER B 298 -9.07 29.06 3.41
C SER B 298 -8.14 28.51 2.33
N HIS B 299 -8.47 27.33 1.72
CA HIS B 299 -7.63 26.62 0.75
C HIS B 299 -6.28 26.21 1.37
N GLY B 300 -6.23 26.10 2.70
CA GLY B 300 -5.03 25.68 3.41
C GLY B 300 -4.14 26.81 3.89
N LYS B 301 -4.54 28.09 3.64
CA LYS B 301 -3.80 29.27 4.09
C LYS B 301 -4.16 29.60 5.55
N GLY B 302 -3.16 29.79 6.36
CA GLY B 302 -3.33 30.11 7.77
C GLY B 302 -2.04 29.92 8.52
N TYR B 303 -2.11 30.06 9.86
CA TYR B 303 -1.01 29.86 10.81
C TYR B 303 -0.92 28.35 11.08
N ASN B 304 -0.39 27.62 10.09
CA ASN B 304 -0.30 26.16 10.13
C ASN B 304 0.97 25.57 10.72
N TRP B 305 2.00 26.39 11.02
CA TRP B 305 3.32 25.90 11.49
C TRP B 305 3.75 26.57 12.78
N GLY B 306 4.52 25.85 13.58
CA GLY B 306 5.06 26.32 14.84
C GLY B 306 6.45 25.77 15.09
N ASN B 307 7.35 26.61 15.62
CA ASN B 307 8.72 26.24 16.03
C ASN B 307 8.64 26.33 17.56
N TYR B 308 8.67 25.18 18.22
CA TYR B 308 8.59 25.14 19.67
C TYR B 308 9.95 25.18 20.33
N ASN B 309 10.23 26.22 21.09
CA ASN B 309 11.47 26.33 21.87
C ASN B 309 11.16 25.67 23.21
N THR B 310 11.81 24.53 23.49
CA THR B 310 11.60 23.74 24.71
C THR B 310 12.18 24.40 25.96
N GLU B 311 13.23 25.22 25.80
CA GLU B 311 13.91 25.93 26.89
C GLU B 311 13.14 27.13 27.33
N THR B 312 12.74 28.00 26.38
CA THR B 312 12.00 29.22 26.73
C THR B 312 10.50 28.98 26.79
N GLN B 313 10.03 27.77 26.50
CA GLN B 313 8.60 27.41 26.51
C GLN B 313 7.75 28.33 25.63
N LYS B 314 8.29 28.65 24.44
CA LYS B 314 7.66 29.54 23.49
C LYS B 314 7.30 28.78 22.21
N CYS B 315 6.03 28.93 21.77
CA CYS B 315 5.47 28.39 20.52
C CYS B 315 5.55 29.57 19.51
N GLU B 316 6.47 29.51 18.53
CA GLU B 316 6.67 30.57 17.52
C GLU B 316 5.88 30.21 16.29
N ILE B 317 4.71 30.84 16.16
CA ILE B 317 3.73 30.51 15.15
C ILE B 317 3.80 31.39 13.93
N PHE B 318 3.74 30.78 12.74
CA PHE B 318 3.85 31.55 11.51
C PHE B 318 2.92 31.04 10.42
N ASN B 319 2.65 31.86 9.40
CA ASN B 319 1.69 31.59 8.35
C ASN B 319 2.26 31.52 6.92
N VAL B 320 3.53 31.17 6.77
CA VAL B 320 4.05 31.05 5.42
C VAL B 320 4.67 29.66 5.37
N LYS B 321 4.78 29.11 4.16
CA LYS B 321 5.39 27.82 3.86
C LYS B 321 6.91 27.86 4.23
N PRO B 322 7.37 26.93 5.09
CA PRO B 322 8.83 26.87 5.38
C PRO B 322 9.53 26.13 4.23
N THR B 323 10.76 26.52 3.93
CA THR B 323 11.50 25.95 2.81
C THR B 323 12.81 25.27 3.19
N CYS B 324 13.09 25.12 4.48
CA CYS B 324 14.27 24.40 4.96
C CYS B 324 14.16 24.18 6.45
N LEU B 325 15.15 23.47 7.03
CA LEU B 325 15.26 23.23 8.47
C LEU B 325 16.62 23.68 8.91
N ILE B 326 16.70 24.23 10.13
CA ILE B 326 17.88 24.63 10.87
C ILE B 326 17.97 23.64 12.04
N ASN B 327 19.17 23.10 12.24
CA ASN B 327 19.45 22.17 13.32
C ASN B 327 19.71 22.98 14.59
N ASP B 328 18.75 22.99 15.49
CA ASP B 328 18.85 23.69 16.78
C ASP B 328 18.28 22.80 17.86
N LYS B 329 19.14 22.42 18.83
CA LYS B 329 18.85 21.54 19.97
C LYS B 329 17.72 22.01 20.88
N SER B 330 17.42 23.32 20.89
CA SER B 330 16.35 23.86 21.75
C SER B 330 14.98 23.78 21.11
N TYR B 331 14.88 23.35 19.83
CA TYR B 331 13.64 23.37 19.08
C TYR B 331 13.06 22.06 18.67
N ILE B 332 11.71 22.06 18.49
CA ILE B 332 10.92 20.99 17.86
C ILE B 332 10.04 21.68 16.81
N ALA B 333 10.04 21.21 15.55
CA ALA B 333 9.22 21.82 14.50
C ALA B 333 7.89 21.06 14.40
N THR B 334 6.74 21.78 14.45
CA THR B 334 5.39 21.16 14.39
C THR B 334 4.44 21.83 13.37
N THR B 335 3.31 21.18 13.07
CA THR B 335 2.29 21.74 12.17
C THR B 335 0.95 21.44 12.80
N ALA B 336 -0.09 22.16 12.40
CA ALA B 336 -1.46 21.92 12.89
C ALA B 336 -1.92 20.49 12.53
N LEU B 337 -1.37 19.90 11.42
CA LEU B 337 -1.69 18.53 10.94
C LEU B 337 -1.00 17.45 11.74
N SER B 338 0.20 17.72 12.25
CA SER B 338 1.07 16.79 12.96
C SER B 338 0.48 16.17 14.21
N HIS B 339 0.97 14.97 14.55
CA HIS B 339 0.59 14.27 15.77
C HIS B 339 1.03 15.17 16.94
N PRO B 340 0.20 15.32 17.99
CA PRO B 340 0.58 16.23 19.06
C PRO B 340 1.73 15.80 19.95
N ILE B 341 2.15 14.51 19.88
CA ILE B 341 3.17 13.95 20.76
C ILE B 341 4.41 13.34 20.07
N GLU B 342 4.20 12.56 19.02
CA GLU B 342 5.27 11.83 18.34
C GLU B 342 6.38 12.69 17.80
N VAL B 343 7.63 12.34 18.14
CA VAL B 343 8.80 13.06 17.66
C VAL B 343 9.73 12.14 16.90
N GLU B 344 10.34 12.68 15.83
CA GLU B 344 11.38 12.06 15.02
C GLU B 344 12.66 12.50 15.73
N ASN B 345 13.30 11.59 16.47
CA ASN B 345 14.50 11.84 17.31
C ASN B 345 15.70 12.48 16.61
N ASN B 346 15.95 12.11 15.35
CA ASN B 346 17.11 12.65 14.67
C ASN B 346 16.81 13.67 13.60
N PHE B 347 17.71 14.67 13.50
CA PHE B 347 17.66 15.71 12.48
C PHE B 347 18.01 15.05 11.13
N PRO B 348 17.24 15.29 10.05
CA PRO B 348 17.56 14.66 8.76
C PRO B 348 18.85 15.10 8.11
N SER B 349 19.44 14.20 7.29
CA SER B 349 20.64 14.47 6.49
C SER B 349 20.18 14.68 5.04
N VAL B 350 20.65 15.77 4.41
CA VAL B 350 20.28 16.15 3.03
C VAL B 350 21.21 15.58 1.93
N PRO B 351 20.72 15.41 0.66
CA PRO B 351 21.58 14.82 -0.40
C PRO B 351 22.81 15.65 -0.77
N VAL C 1 33.06 -19.76 -20.50
CA VAL C 1 32.99 -20.50 -19.24
C VAL C 1 31.94 -19.92 -18.27
N PHE C 2 31.24 -20.81 -17.54
CA PHE C 2 30.20 -20.45 -16.58
C PHE C 2 30.73 -20.39 -15.16
N ALA C 3 30.09 -19.54 -14.33
CA ALA C 3 30.34 -19.45 -12.89
C ALA C 3 28.99 -19.64 -12.16
N GLU C 4 29.04 -20.16 -10.92
CA GLU C 4 27.82 -20.46 -10.16
C GLU C 4 27.15 -19.20 -9.60
N PHE C 5 27.96 -18.32 -8.99
CA PHE C 5 27.51 -17.09 -8.35
C PHE C 5 28.17 -15.87 -8.94
N LEU C 6 27.38 -14.82 -9.05
CA LEU C 6 27.83 -13.55 -9.58
C LEU C 6 28.69 -12.88 -8.49
N PRO C 7 29.87 -12.31 -8.86
CA PRO C 7 30.67 -11.60 -7.84
C PRO C 7 29.92 -10.35 -7.38
N LEU C 8 30.20 -9.88 -6.15
CA LEU C 8 29.63 -8.64 -5.65
C LEU C 8 30.47 -7.52 -6.25
N PHE C 9 29.90 -6.80 -7.23
CA PHE C 9 30.61 -5.70 -7.87
C PHE C 9 30.57 -4.40 -7.03
N SER C 10 31.48 -3.45 -7.35
CA SER C 10 31.63 -2.16 -6.66
C SER C 10 30.90 -1.04 -7.38
N LYS C 11 30.66 -1.19 -8.68
CA LYS C 11 30.01 -0.18 -9.52
C LYS C 11 28.95 -0.79 -10.43
N PHE C 12 27.99 0.03 -10.87
CA PHE C 12 26.89 -0.41 -11.72
C PHE C 12 26.54 0.65 -12.73
N GLY C 13 25.96 0.20 -13.83
CA GLY C 13 25.46 1.06 -14.90
C GLY C 13 23.96 1.07 -14.89
N SER C 14 23.38 1.88 -15.78
CA SER C 14 21.95 2.01 -15.98
C SER C 14 21.62 1.96 -17.47
N ARG C 15 20.70 1.07 -17.87
CA ARG C 15 20.25 0.91 -19.25
C ARG C 15 19.18 1.94 -19.56
N MET C 16 18.53 2.49 -18.52
CA MET C 16 17.39 3.41 -18.58
C MET C 16 17.33 4.45 -19.71
N HIS C 17 18.50 4.98 -20.12
N HIS C 17 18.49 4.97 -20.12
CA HIS C 17 18.62 5.97 -21.19
CA HIS C 17 18.63 5.98 -21.17
C HIS C 17 18.80 5.33 -22.58
C HIS C 17 18.80 5.34 -22.57
N ILE C 18 18.22 4.12 -22.76
CA ILE C 18 18.27 3.28 -23.99
C ILE C 18 19.67 2.83 -24.36
N GLU D 4 31.18 -0.16 2.40
CA GLU D 4 31.12 -0.27 0.95
C GLU D 4 29.85 0.39 0.43
N PHE D 5 29.99 1.48 -0.33
CA PHE D 5 28.84 2.12 -0.96
C PHE D 5 29.04 2.17 -2.46
N LEU D 6 27.99 1.79 -3.20
CA LEU D 6 28.12 1.65 -4.65
C LEU D 6 27.57 2.76 -5.48
N PRO D 7 28.36 3.33 -6.40
CA PRO D 7 27.83 4.39 -7.25
C PRO D 7 27.29 3.84 -8.57
N LEU D 8 26.40 4.61 -9.19
CA LEU D 8 25.85 4.26 -10.49
C LEU D 8 26.39 5.21 -11.55
N PHE D 9 26.75 4.66 -12.72
CA PHE D 9 27.27 5.46 -13.83
C PHE D 9 26.40 5.33 -15.08
N SER D 10 26.47 6.33 -15.98
CA SER D 10 25.71 6.32 -17.23
C SER D 10 26.54 5.79 -18.39
N VAL E 1 -29.84 27.18 -3.23
CA VAL E 1 -30.32 26.22 -2.23
C VAL E 1 -29.15 25.58 -1.46
N PHE E 2 -28.72 26.26 -0.37
CA PHE E 2 -27.62 25.84 0.51
C PHE E 2 -28.12 25.67 1.94
N ALA E 3 -27.79 24.53 2.57
CA ALA E 3 -28.18 24.27 3.95
C ALA E 3 -26.98 24.03 4.87
N GLU E 4 -27.09 24.48 6.14
CA GLU E 4 -26.04 24.41 7.16
C GLU E 4 -25.66 22.96 7.55
N PHE E 5 -26.64 22.22 8.12
CA PHE E 5 -26.48 20.83 8.58
C PHE E 5 -27.16 19.83 7.64
N LEU E 6 -26.66 18.59 7.60
CA LEU E 6 -27.27 17.55 6.77
C LEU E 6 -28.47 16.95 7.52
N PRO E 7 -29.61 16.68 6.83
CA PRO E 7 -30.73 16.02 7.53
C PRO E 7 -30.38 14.59 7.91
N LEU E 8 -30.96 14.09 9.01
CA LEU E 8 -30.77 12.68 9.39
C LEU E 8 -31.71 11.85 8.50
N PHE E 9 -31.11 11.03 7.61
CA PHE E 9 -31.82 10.17 6.65
C PHE E 9 -32.18 8.78 7.19
N SER E 10 -33.31 8.24 6.73
CA SER E 10 -33.82 6.93 7.15
C SER E 10 -33.35 5.77 6.27
N LYS E 11 -32.60 6.07 5.19
CA LYS E 11 -32.06 5.06 4.28
C LYS E 11 -30.71 5.52 3.69
N PHE E 12 -29.84 4.58 3.34
CA PHE E 12 -28.52 4.86 2.78
C PHE E 12 -28.19 3.89 1.67
N GLY E 13 -27.19 4.25 0.86
CA GLY E 13 -26.74 3.44 -0.27
C GLY E 13 -25.29 3.03 -0.14
N SER E 14 -24.82 2.24 -1.09
CA SER E 14 -23.43 1.80 -1.13
C SER E 14 -22.83 1.99 -2.53
N ARG E 15 -21.78 2.84 -2.62
CA ARG E 15 -21.07 3.15 -3.87
C ARG E 15 -20.32 1.93 -4.42
N MET E 16 -20.03 0.96 -3.55
CA MET E 16 -19.35 -0.30 -3.88
C MET E 16 -20.30 -1.21 -4.68
N HIS E 17 -21.55 -1.42 -4.16
CA HIS E 17 -22.63 -2.25 -4.71
C HIS E 17 -22.20 -3.70 -4.98
N VAL F 1 -40.55 2.68 16.00
CA VAL F 1 -39.15 2.53 15.63
C VAL F 1 -38.92 1.72 14.33
N PHE F 2 -38.39 0.46 14.39
CA PHE F 2 -38.06 -0.40 13.23
C PHE F 2 -36.97 0.17 12.32
N ALA F 3 -36.62 1.45 12.55
CA ALA F 3 -35.55 2.27 11.96
C ALA F 3 -35.29 3.44 12.98
N GLU F 4 -34.63 3.21 14.16
CA GLU F 4 -33.90 2.02 14.68
C GLU F 4 -32.76 1.71 13.72
N PHE F 5 -32.57 0.44 13.30
CA PHE F 5 -31.52 0.10 12.35
C PHE F 5 -31.99 0.52 10.97
N LEU F 6 -31.31 1.52 10.39
CA LEU F 6 -31.64 2.07 9.08
C LEU F 6 -31.08 1.18 7.97
N PRO F 7 -31.88 0.85 6.92
CA PRO F 7 -31.39 -0.08 5.89
C PRO F 7 -30.44 0.50 4.85
N LEU F 8 -29.70 -0.39 4.20
CA LEU F 8 -28.77 -0.08 3.13
C LEU F 8 -29.23 -0.72 1.81
N PHE F 9 -29.34 0.09 0.74
CA PHE F 9 -29.77 -0.38 -0.58
C PHE F 9 -28.70 -0.09 -1.65
N SER F 10 -28.72 -0.84 -2.77
CA SER F 10 -27.76 -0.63 -3.86
C SER F 10 -28.45 -0.57 -5.22
#